data_6GL0
#
_entry.id   6GL0
#
_cell.length_a   84.574
_cell.length_b   84.574
_cell.length_c   117.661
_cell.angle_alpha   90.00
_cell.angle_beta   90.00
_cell.angle_gamma   120.00
#
_symmetry.space_group_name_H-M   'P 32'
#
loop_
_entity.id
_entity.type
_entity.pdbx_description
1 polymer 'Endoglucanase, family GH5'
2 branched beta-D-glucopyranose-(1-4)-beta-D-glucopyranose-(1-4)-alpha-D-glucopyranose
3 non-polymer 'MAGNESIUM ION'
4 water water
#
_entity_poly.entity_id   1
_entity_poly.type   'polypeptide(L)'
_entity_poly.pdbx_seq_one_letter_code
;SNMREIAPKEFVLDMGAGWNLGNAMDTYNSDETAWGNPLTTKAMIDEIAKMGFKTLRLPVTWKFHIGEGPDYLIEANWLD
KVEAIANFALENEMYVIINIHHDETWILPTYEKADEVKDELSKVWTQIANRFKTYGDYLIFETLNEPRHKGTPEEWKGGT
QEGRDAVNQYHQVSVDAIRATGGNNAKRKIMVSTYAASTASNALNDYLVPNGDKNVIVSVHSYFPYQFCLDGTDSTWGTE
ADKTALLAELDKIRDKFIVEDNRAVVMGSWGSTFSDNPEDRLAHAEFYARACAERGICPIWWDNGNVDEFGIFNRNTLEW
NYPEIAEAIVK
;
_entity_poly.pdbx_strand_id   A,B,C
#
# COMPACT_ATOMS: atom_id res chain seq x y z
N SER A 1 -4.54 -7.26 35.28
CA SER A 1 -3.10 -7.39 35.44
C SER A 1 -2.42 -8.21 34.35
N ASN A 2 -3.19 -8.87 33.54
CA ASN A 2 -2.67 -9.67 32.44
C ASN A 2 -2.12 -8.97 31.17
N MET A 3 -1.01 -9.47 30.62
CA MET A 3 -0.41 -9.00 29.39
C MET A 3 -0.42 -10.05 28.27
N ARG A 4 -1.22 -9.85 27.24
CA ARG A 4 -1.29 -10.79 26.13
C ARG A 4 -0.14 -10.73 25.14
N GLU A 5 0.02 -11.80 24.38
CA GLU A 5 0.97 -11.80 23.26
C GLU A 5 0.13 -11.24 22.12
N ILE A 6 0.30 -9.95 21.83
CA ILE A 6 -0.58 -9.28 20.87
C ILE A 6 0.17 -8.18 20.14
N ALA A 7 0.27 -8.32 18.81
CA ALA A 7 0.98 -7.34 18.00
C ALA A 7 0.18 -6.00 17.94
N PRO A 8 0.87 -4.88 17.71
CA PRO A 8 0.18 -3.57 17.71
C PRO A 8 -1.00 -3.43 16.75
N LYS A 9 -0.89 -3.94 15.54
CA LYS A 9 -2.00 -3.79 14.60
C LYS A 9 -3.27 -4.44 15.09
N GLU A 10 -3.14 -5.64 15.65
CA GLU A 10 -4.26 -6.36 16.24
C GLU A 10 -4.75 -5.69 17.54
N PHE A 11 -3.84 -5.18 18.34
CA PHE A 11 -4.17 -4.43 19.55
C PHE A 11 -5.02 -3.17 19.21
N VAL A 12 -4.60 -2.43 18.20
CA VAL A 12 -5.33 -1.20 17.75
C VAL A 12 -6.72 -1.53 17.21
N LEU A 13 -6.90 -2.65 16.48
CA LEU A 13 -8.26 -3.06 16.10
C LEU A 13 -9.09 -3.35 17.31
N ASP A 14 -8.52 -4.05 18.30
CA ASP A 14 -9.26 -4.33 19.53
C ASP A 14 -9.63 -3.07 20.33
N MET A 15 -8.85 -2.00 20.17
CA MET A 15 -9.18 -0.71 20.82
C MET A 15 -10.51 -0.09 20.32
N GLY A 16 -11.03 -0.54 19.17
CA GLY A 16 -12.31 -0.06 18.67
C GLY A 16 -12.24 1.45 18.38
N ALA A 17 -13.26 2.16 18.81
CA ALA A 17 -13.34 3.60 18.80
C ALA A 17 -13.18 4.16 20.20
N GLY A 18 -12.63 5.37 20.28
CA GLY A 18 -12.33 6.05 21.55
C GLY A 18 -12.98 7.42 21.73
N TRP A 19 -12.99 7.87 22.98
CA TRP A 19 -13.47 9.16 23.38
C TRP A 19 -12.52 9.79 24.37
N ASN A 20 -12.25 11.09 24.18
CA ASN A 20 -11.36 11.89 25.04
C ASN A 20 -12.14 12.56 26.16
N LEU A 21 -11.64 12.39 27.37
CA LEU A 21 -12.09 13.15 28.56
C LEU A 21 -11.32 14.47 28.56
N GLY A 22 -11.65 15.33 27.62
CA GLY A 22 -10.90 16.57 27.41
C GLY A 22 -11.32 17.65 28.37
N ASN A 23 -10.42 18.61 28.56
CA ASN A 23 -10.60 19.71 29.51
C ASN A 23 -10.97 19.22 30.91
N ALA A 24 -10.28 18.18 31.39
CA ALA A 24 -10.50 17.67 32.74
C ALA A 24 -9.16 17.65 33.41
N MET A 25 -8.46 16.50 33.45
CA MET A 25 -7.13 16.43 34.05
C MET A 25 -6.03 17.11 33.22
N ASP A 26 -6.35 17.43 31.98
CA ASP A 26 -5.48 18.22 31.09
C ASP A 26 -5.60 19.73 31.29
N THR A 27 -6.60 20.17 32.04
CA THR A 27 -6.86 21.57 32.30
C THR A 27 -5.62 22.30 32.81
N TYR A 28 -5.32 23.43 32.18
CA TYR A 28 -4.09 24.18 32.53
C TYR A 28 -4.39 25.14 33.69
N ASN A 29 -4.47 24.56 34.86
CA ASN A 29 -4.80 25.24 36.10
C ASN A 29 -4.59 24.19 37.21
N SER A 30 -4.27 24.62 38.42
CA SER A 30 -4.06 23.67 39.54
C SER A 30 -5.39 22.95 39.91
N ASP A 31 -6.49 23.62 39.63
CA ASP A 31 -7.86 23.08 39.76
C ASP A 31 -8.40 22.56 38.40
N GLU A 32 -8.55 21.22 38.29
CA GLU A 32 -9.02 20.58 37.08
C GLU A 32 -10.46 20.85 36.70
N THR A 33 -11.21 21.54 37.55
CA THR A 33 -12.54 22.06 37.18
C THR A 33 -12.55 23.47 36.57
N ALA A 34 -11.39 24.11 36.48
CA ALA A 34 -11.33 25.51 36.05
C ALA A 34 -11.71 25.74 34.59
N TRP A 35 -11.71 24.69 33.77
CA TRP A 35 -12.08 24.82 32.36
C TRP A 35 -13.49 24.30 32.06
N GLY A 36 -14.33 24.30 33.11
CA GLY A 36 -15.76 24.13 32.97
C GLY A 36 -16.27 22.70 33.07
N ASN A 37 -15.38 21.74 33.37
CA ASN A 37 -15.80 20.37 33.58
C ASN A 37 -15.73 19.91 35.04
N PRO A 38 -16.72 19.12 35.46
CA PRO A 38 -16.77 18.67 36.84
C PRO A 38 -15.76 17.59 37.10
N LEU A 39 -15.54 17.33 38.38
CA LEU A 39 -14.71 16.19 38.81
C LEU A 39 -15.28 14.92 38.26
N THR A 40 -14.45 14.18 37.56
CA THR A 40 -14.94 13.06 36.76
C THR A 40 -15.42 11.91 37.71
N THR A 41 -16.55 11.28 37.37
CA THR A 41 -17.13 10.17 38.14
C THR A 41 -17.25 8.92 37.33
N LYS A 42 -17.43 7.80 38.01
CA LYS A 42 -17.61 6.51 37.35
C LYS A 42 -18.87 6.51 36.48
N ALA A 43 -19.91 7.19 36.95
CA ALA A 43 -21.17 7.25 36.23
C ALA A 43 -21.00 7.90 34.87
N MET A 44 -20.13 8.88 34.78
CA MET A 44 -19.79 9.49 33.45
C MET A 44 -19.17 8.46 32.55
N ILE A 45 -18.13 7.81 33.05
CA ILE A 45 -17.40 6.84 32.25
C ILE A 45 -18.30 5.65 31.88
N ASP A 46 -19.24 5.28 32.77
CA ASP A 46 -20.19 4.17 32.47
C ASP A 46 -20.95 4.49 31.20
N GLU A 47 -21.42 5.72 31.07
CA GLU A 47 -22.16 6.14 29.87
C GLU A 47 -21.30 6.10 28.58
N ILE A 48 -20.02 6.47 28.69
CA ILE A 48 -19.11 6.41 27.56
C ILE A 48 -19.03 4.95 27.07
N ALA A 49 -18.87 4.01 28.01
CA ALA A 49 -18.82 2.57 27.73
C ALA A 49 -20.13 2.01 27.18
N LYS A 50 -21.25 2.39 27.80
CA LYS A 50 -22.57 1.94 27.35
C LYS A 50 -22.88 2.38 25.92
N MET A 51 -22.48 3.59 25.55
CA MET A 51 -22.65 4.08 24.17
C MET A 51 -21.86 3.26 23.13
N GLY A 52 -20.82 2.53 23.57
CA GLY A 52 -20.07 1.65 22.66
C GLY A 52 -18.62 2.03 22.43
N PHE A 53 -18.14 3.09 23.08
CA PHE A 53 -16.71 3.43 23.02
C PHE A 53 -15.93 2.39 23.78
N LYS A 54 -14.87 1.87 23.17
CA LYS A 54 -14.04 0.83 23.77
C LYS A 54 -12.74 1.41 24.42
N THR A 55 -12.37 2.64 24.05
CA THR A 55 -11.16 3.27 24.53
C THR A 55 -11.49 4.62 25.14
N LEU A 56 -10.94 4.84 26.33
CA LEU A 56 -10.94 6.16 26.96
C LEU A 56 -9.53 6.72 26.89
N ARG A 57 -9.37 7.90 26.29
CA ARG A 57 -8.15 8.69 26.40
C ARG A 57 -8.37 9.64 27.56
N LEU A 58 -7.41 9.60 28.47
CA LEU A 58 -7.37 10.34 29.72
C LEU A 58 -6.17 11.28 29.66
N PRO A 59 -6.30 12.41 28.95
CA PRO A 59 -5.17 13.33 28.89
C PRO A 59 -4.91 14.00 30.28
N VAL A 60 -3.63 14.18 30.63
CA VAL A 60 -3.24 14.73 31.93
C VAL A 60 -2.14 15.74 31.75
N THR A 61 -2.37 16.91 32.32
CA THR A 61 -1.37 17.96 32.37
C THR A 61 -0.79 17.87 33.77
N TRP A 62 0.52 17.69 33.83
CA TRP A 62 1.23 17.45 35.09
C TRP A 62 1.91 18.66 35.74
N LYS A 63 2.00 19.77 35.00
CA LYS A 63 2.77 20.93 35.44
C LYS A 63 2.46 21.45 36.83
N PHE A 64 1.20 21.63 37.17
CA PHE A 64 0.81 22.17 38.47
C PHE A 64 0.98 21.25 39.66
N HIS A 65 1.31 19.98 39.40
CA HIS A 65 1.50 18.97 40.42
C HIS A 65 2.89 18.32 40.45
N ILE A 66 3.86 18.96 39.83
CA ILE A 66 5.26 18.53 39.89
C ILE A 66 6.08 19.48 40.78
N GLY A 67 6.80 18.91 41.72
CA GLY A 67 7.69 19.64 42.61
C GLY A 67 8.96 20.14 41.95
N GLU A 68 9.70 20.98 42.66
CA GLU A 68 10.94 21.56 42.14
C GLU A 68 11.99 20.45 41.87
N GLY A 69 12.87 20.70 40.92
CA GLY A 69 14.11 19.91 40.81
C GLY A 69 14.95 19.90 42.11
N PRO A 70 15.90 18.98 42.29
CA PRO A 70 16.27 17.98 41.27
C PRO A 70 15.33 16.75 41.21
N ASP A 71 14.48 16.52 42.24
CA ASP A 71 13.59 15.35 42.28
C ASP A 71 12.38 15.39 41.32
N TYR A 72 11.80 16.59 41.16
CA TYR A 72 10.59 16.82 40.36
C TYR A 72 9.44 15.88 40.77
N LEU A 73 9.18 15.84 42.07
CA LEU A 73 8.27 14.85 42.67
C LEU A 73 6.84 15.14 42.26
N ILE A 74 6.12 14.13 41.79
CA ILE A 74 4.70 14.31 41.42
C ILE A 74 3.89 14.11 42.69
N GLU A 75 2.99 15.05 42.99
CA GLU A 75 2.09 14.92 44.14
C GLU A 75 1.38 13.58 44.06
N ALA A 76 1.44 12.84 45.16
CA ALA A 76 0.82 11.53 45.25
C ALA A 76 -0.69 11.63 45.08
N ASN A 77 -1.29 12.69 45.60
CA ASN A 77 -2.73 12.88 45.51
C ASN A 77 -3.20 13.06 44.03
N TRP A 78 -2.37 13.73 43.26
CA TRP A 78 -2.66 13.94 41.84
C TRP A 78 -2.60 12.60 41.09
N LEU A 79 -1.57 11.80 41.34
CA LEU A 79 -1.53 10.43 40.83
C LEU A 79 -2.74 9.58 41.26
N ASP A 80 -3.21 9.78 42.49
CA ASP A 80 -4.43 9.10 42.96
C ASP A 80 -5.64 9.47 42.13
N LYS A 81 -5.76 10.74 41.76
CA LYS A 81 -6.90 11.18 40.94
C LYS A 81 -6.85 10.54 39.53
N VAL A 82 -5.68 10.51 38.93
CA VAL A 82 -5.49 9.91 37.61
C VAL A 82 -5.81 8.43 37.70
N GLU A 83 -5.31 7.80 38.76
CA GLU A 83 -5.52 6.37 38.95
C GLU A 83 -6.97 5.99 39.13
N ALA A 84 -7.71 6.78 39.91
CA ALA A 84 -9.13 6.49 40.08
C ALA A 84 -9.86 6.53 38.74
N ILE A 85 -9.57 7.56 37.92
CA ILE A 85 -10.31 7.73 36.65
C ILE A 85 -9.96 6.55 35.73
N ALA A 86 -8.67 6.22 35.67
CA ALA A 86 -8.25 5.06 34.92
C ALA A 86 -9.04 3.80 35.27
N ASN A 87 -9.23 3.56 36.56
CA ASN A 87 -10.00 2.40 37.02
C ASN A 87 -11.46 2.47 36.66
N PHE A 88 -12.06 3.67 36.67
CA PHE A 88 -13.43 3.79 36.13
C PHE A 88 -13.56 3.16 34.74
N ALA A 89 -12.53 3.34 33.91
CA ALA A 89 -12.55 2.83 32.54
C ALA A 89 -12.19 1.36 32.47
N LEU A 90 -11.16 0.96 33.20
CA LEU A 90 -10.76 -0.45 33.20
C LEU A 90 -11.89 -1.40 33.69
N GLU A 91 -12.64 -0.96 34.69
CA GLU A 91 -13.80 -1.67 35.22
C GLU A 91 -14.89 -1.82 34.17
N ASN A 92 -14.92 -0.94 33.20
CA ASN A 92 -15.89 -1.01 32.15
C ASN A 92 -15.35 -1.77 30.95
N GLU A 93 -14.24 -2.44 31.16
CA GLU A 93 -13.51 -3.22 30.18
C GLU A 93 -13.04 -2.41 28.98
N MET A 94 -12.66 -1.17 29.25
CA MET A 94 -12.19 -0.31 28.21
C MET A 94 -10.72 -0.16 28.30
N TYR A 95 -10.11 0.11 27.17
CA TYR A 95 -8.71 0.53 27.17
C TYR A 95 -8.65 1.94 27.76
N VAL A 96 -7.51 2.29 28.30
CA VAL A 96 -7.30 3.65 28.79
C VAL A 96 -5.91 4.11 28.49
N ILE A 97 -5.85 5.33 27.94
CA ILE A 97 -4.61 5.95 27.54
C ILE A 97 -4.33 7.11 28.51
N ILE A 98 -3.16 7.10 29.13
CA ILE A 98 -2.67 8.16 29.99
C ILE A 98 -1.49 8.83 29.31
N ASN A 99 -1.50 10.16 29.29
CA ASN A 99 -0.44 10.92 28.66
C ASN A 99 0.20 12.03 29.50
N ILE A 100 1.16 12.72 28.86
CA ILE A 100 1.62 14.06 29.25
C ILE A 100 1.03 15.03 28.21
N HIS A 101 0.21 15.98 28.69
CA HIS A 101 -0.63 16.84 27.84
C HIS A 101 -0.08 18.28 27.75
N HIS A 102 -0.67 19.29 28.43
CA HIS A 102 -0.31 20.70 28.18
C HIS A 102 0.89 21.10 29.05
N ASP A 103 2.00 20.41 28.84
CA ASP A 103 3.22 20.52 29.61
C ASP A 103 4.41 21.06 28.78
N GLU A 104 4.08 21.77 27.69
CA GLU A 104 5.09 22.30 26.78
C GLU A 104 5.96 23.41 27.40
N THR A 105 5.51 24.04 28.48
CA THR A 105 6.33 25.08 29.14
C THR A 105 7.65 24.53 29.71
N TRP A 106 7.70 23.26 30.13
CA TRP A 106 8.96 22.68 30.57
C TRP A 106 9.46 21.62 29.61
N ILE A 107 8.81 21.45 28.45
CA ILE A 107 9.26 20.46 27.44
C ILE A 107 9.57 21.24 26.15
N LEU A 108 10.57 22.12 26.24
CA LEU A 108 10.95 22.99 25.14
C LEU A 108 11.90 22.23 24.20
N PRO A 109 11.50 21.99 22.94
CA PRO A 109 12.36 21.24 22.03
C PRO A 109 13.42 22.08 21.31
N THR A 110 14.44 22.46 22.07
CA THR A 110 15.66 23.13 21.56
C THR A 110 16.87 22.37 22.08
N TYR A 111 17.98 22.47 21.36
CA TYR A 111 19.23 21.81 21.78
C TYR A 111 19.70 22.40 23.08
N GLU A 112 19.46 23.70 23.23
CA GLU A 112 19.81 24.47 24.40
C GLU A 112 19.15 23.92 25.66
N LYS A 113 17.89 23.55 25.56
CA LYS A 113 17.15 23.03 26.69
C LYS A 113 17.13 21.51 26.82
N ALA A 114 17.64 20.81 25.83
CA ALA A 114 17.51 19.33 25.76
C ALA A 114 17.94 18.56 27.02
N ASP A 115 19.04 18.94 27.61
CA ASP A 115 19.57 18.17 28.76
C ASP A 115 18.72 18.37 30.02
N GLU A 116 18.28 19.63 30.25
CA GLU A 116 17.38 19.94 31.37
C GLU A 116 16.01 19.22 31.22
N VAL A 117 15.45 19.29 30.00
CA VAL A 117 14.17 18.65 29.66
C VAL A 117 14.25 17.13 29.76
N LYS A 118 15.25 16.53 29.14
CA LYS A 118 15.44 15.07 29.21
C LYS A 118 15.53 14.55 30.64
N ASP A 119 16.25 15.29 31.48
CA ASP A 119 16.36 14.92 32.88
C ASP A 119 14.99 14.92 33.58
N GLU A 120 14.24 16.01 33.43
CA GLU A 120 12.94 16.14 34.10
C GLU A 120 11.96 15.08 33.58
N LEU A 121 11.86 14.96 32.26
CA LEU A 121 10.98 13.96 31.62
C LEU A 121 11.25 12.55 32.07
N SER A 122 12.54 12.22 32.10
CA SER A 122 12.96 10.92 32.63
C SER A 122 12.47 10.66 34.05
N LYS A 123 12.64 11.63 34.91
CA LYS A 123 12.16 11.50 36.28
C LYS A 123 10.63 11.45 36.39
N VAL A 124 9.94 12.29 35.62
CA VAL A 124 8.46 12.31 35.62
C VAL A 124 7.88 11.01 35.06
N TRP A 125 8.38 10.55 33.91
CA TRP A 125 7.80 9.30 33.34
C TRP A 125 8.12 8.09 34.21
N THR A 126 9.30 8.10 34.84
CA THR A 126 9.63 7.07 35.85
C THR A 126 8.53 6.99 36.94
N GLN A 127 8.09 8.13 37.45
CA GLN A 127 7.10 8.12 38.53
C GLN A 127 5.70 7.72 38.06
N ILE A 128 5.31 8.17 36.87
CA ILE A 128 4.01 7.77 36.33
C ILE A 128 4.04 6.26 36.10
N ALA A 129 5.10 5.80 35.45
CA ALA A 129 5.21 4.37 35.13
C ALA A 129 5.21 3.47 36.39
N ASN A 130 5.94 3.89 37.43
CA ASN A 130 5.99 3.13 38.70
C ASN A 130 4.63 3.03 39.34
N ARG A 131 3.87 4.11 39.31
CA ARG A 131 2.53 4.04 39.89
C ARG A 131 1.60 3.02 39.17
N PHE A 132 1.79 2.85 37.86
CA PHE A 132 0.88 2.00 37.09
C PHE A 132 1.52 0.69 36.65
N LYS A 133 2.66 0.35 37.24
CA LYS A 133 3.41 -0.83 36.84
C LYS A 133 2.59 -2.14 36.83
N THR A 134 1.70 -2.32 37.81
CA THR A 134 1.00 -3.61 37.96
C THR A 134 -0.20 -3.76 37.02
N TYR A 135 -0.58 -2.69 36.31
CA TYR A 135 -1.77 -2.74 35.47
C TYR A 135 -1.50 -3.57 34.20
N GLY A 136 -2.57 -4.23 33.74
CA GLY A 136 -2.49 -5.04 32.52
C GLY A 136 -2.52 -4.19 31.25
N ASP A 137 -2.65 -4.86 30.12
CA ASP A 137 -2.34 -4.23 28.83
C ASP A 137 -3.46 -3.35 28.27
N TYR A 138 -4.60 -3.31 28.96
CA TYR A 138 -5.65 -2.38 28.66
C TYR A 138 -5.20 -0.94 28.99
N LEU A 139 -4.15 -0.78 29.80
CA LEU A 139 -3.62 0.51 30.14
C LEU A 139 -2.44 0.80 29.24
N ILE A 140 -2.53 1.93 28.53
CA ILE A 140 -1.59 2.38 27.54
C ILE A 140 -0.96 3.71 28.02
N PHE A 141 0.34 3.89 27.76
CA PHE A 141 0.98 5.17 27.97
C PHE A 141 1.19 5.87 26.62
N GLU A 142 0.93 7.18 26.63
CA GLU A 142 1.27 8.07 25.52
C GLU A 142 2.29 9.09 26.04
N THR A 143 3.50 9.08 25.48
CA THR A 143 4.62 9.79 26.07
C THR A 143 4.46 11.31 26.06
N LEU A 144 4.08 11.89 24.91
CA LEU A 144 3.90 13.32 24.74
C LEU A 144 2.73 13.63 23.78
N ASN A 145 1.86 14.55 24.19
CA ASN A 145 0.64 14.84 23.48
C ASN A 145 0.90 15.41 22.09
N GLU A 146 1.33 16.67 22.08
CA GLU A 146 1.63 17.43 20.88
C GLU A 146 2.93 18.23 21.09
N PRO A 147 4.04 17.53 21.34
CA PRO A 147 5.30 18.20 21.70
C PRO A 147 5.80 19.08 20.58
N ARG A 148 6.17 20.30 20.95
CA ARG A 148 6.41 21.38 20.00
C ARG A 148 6.98 22.60 20.72
N HIS A 149 7.41 23.56 19.91
CA HIS A 149 7.91 24.85 20.39
C HIS A 149 6.74 25.85 20.24
N LYS A 150 6.05 26.12 21.34
CA LYS A 150 4.97 27.10 21.34
C LYS A 150 5.43 28.50 20.93
N GLY A 151 4.69 29.16 20.06
CA GLY A 151 4.97 30.54 19.68
C GLY A 151 5.72 30.71 18.37
N THR A 152 6.36 29.65 17.89
CA THR A 152 7.22 29.76 16.73
C THR A 152 6.39 29.71 15.49
N PRO A 153 6.92 30.24 14.36
CA PRO A 153 6.16 30.15 13.10
C PRO A 153 5.89 28.74 12.59
N GLU A 154 6.70 27.77 13.00
CA GLU A 154 6.57 26.39 12.49
C GLU A 154 5.85 25.47 13.47
N GLU A 155 5.38 26.02 14.58
CA GLU A 155 4.64 25.29 15.63
C GLU A 155 3.63 24.28 15.10
N TRP A 156 2.78 24.75 14.18
CA TRP A 156 1.71 23.95 13.60
C TRP A 156 1.99 23.51 12.18
N LYS A 157 3.24 23.61 11.73
CA LYS A 157 3.66 23.25 10.36
C LYS A 157 4.81 22.23 10.36
N GLY A 158 4.86 21.41 11.41
CA GLY A 158 5.84 20.34 11.54
C GLY A 158 7.18 20.72 12.14
N GLY A 159 7.28 21.90 12.73
CA GLY A 159 8.47 22.31 13.43
C GLY A 159 9.65 22.68 12.54
N THR A 160 10.76 22.95 13.20
CA THR A 160 12.07 23.08 12.57
C THR A 160 12.76 21.74 12.66
N GLN A 161 13.86 21.61 11.92
CA GLN A 161 14.72 20.42 11.98
C GLN A 161 15.16 20.17 13.40
N GLU A 162 15.57 21.23 14.10
CA GLU A 162 15.94 21.18 15.51
C GLU A 162 14.79 20.72 16.40
N GLY A 163 13.60 21.28 16.15
CA GLY A 163 12.41 20.90 16.90
C GLY A 163 12.21 19.41 16.84
N ARG A 164 12.19 18.89 15.61
CA ARG A 164 11.91 17.48 15.37
C ARG A 164 12.96 16.55 16.00
N ASP A 165 14.23 16.96 15.94
CA ASP A 165 15.37 16.20 16.54
C ASP A 165 15.18 16.13 18.05
N ALA A 166 14.93 17.28 18.69
CA ALA A 166 14.72 17.31 20.16
C ALA A 166 13.50 16.46 20.59
N VAL A 167 12.41 16.55 19.82
CA VAL A 167 11.23 15.75 20.13
C VAL A 167 11.51 14.25 20.04
N ASN A 168 12.22 13.80 19.02
CA ASN A 168 12.63 12.38 18.96
C ASN A 168 13.47 11.98 20.19
N GLN A 169 14.36 12.87 20.62
CA GLN A 169 15.17 12.59 21.82
C GLN A 169 14.30 12.53 23.07
N TYR A 170 13.30 13.39 23.16
CA TYR A 170 12.41 13.39 24.32
C TYR A 170 11.61 12.11 24.41
N HIS A 171 11.13 11.65 23.25
CA HIS A 171 10.44 10.36 23.18
C HIS A 171 11.38 9.21 23.59
N GLN A 172 12.60 9.27 23.09
CA GLN A 172 13.68 8.30 23.45
C GLN A 172 13.81 8.15 24.97
N VAL A 173 14.01 9.29 25.63
CA VAL A 173 14.18 9.30 27.10
C VAL A 173 12.92 8.79 27.82
N SER A 174 11.75 9.12 27.29
CA SER A 174 10.49 8.74 27.95
C SER A 174 10.24 7.25 27.85
N VAL A 175 10.37 6.72 26.63
CA VAL A 175 10.24 5.27 26.38
C VAL A 175 11.22 4.47 27.26
N ASP A 176 12.49 4.86 27.25
CA ASP A 176 13.56 4.20 28.07
C ASP A 176 13.24 4.23 29.57
N ALA A 177 12.81 5.39 30.07
CA ALA A 177 12.36 5.51 31.46
C ALA A 177 11.20 4.57 31.82
N ILE A 178 10.28 4.38 30.88
CA ILE A 178 9.13 3.50 31.13
C ILE A 178 9.58 2.05 31.16
N ARG A 179 10.33 1.67 30.13
CA ARG A 179 10.81 0.30 29.96
C ARG A 179 11.65 -0.11 31.18
N ALA A 180 12.52 0.81 31.65
CA ALA A 180 13.47 0.56 32.76
C ALA A 180 12.82 0.23 34.11
N THR A 181 11.58 0.66 34.32
CA THR A 181 10.83 0.30 35.54
C THR A 181 10.40 -1.17 35.55
N GLY A 182 10.50 -1.86 34.40
CA GLY A 182 10.27 -3.31 34.31
C GLY A 182 8.82 -3.70 34.60
N GLY A 183 8.62 -4.96 34.98
CA GLY A 183 7.26 -5.49 35.16
C GLY A 183 6.46 -5.45 33.87
N ASN A 184 5.16 -5.22 33.99
CA ASN A 184 4.30 -5.01 32.82
C ASN A 184 4.74 -3.87 31.87
N ASN A 185 5.44 -2.86 32.41
CA ASN A 185 6.00 -1.74 31.63
C ASN A 185 7.08 -2.12 30.61
N ALA A 186 7.58 -3.34 30.74
CA ALA A 186 8.50 -3.90 29.76
C ALA A 186 7.77 -4.16 28.46
N LYS A 187 6.52 -4.61 28.55
CA LYS A 187 5.74 -4.98 27.39
C LYS A 187 4.49 -4.15 27.09
N ARG A 188 4.20 -3.15 27.90
CA ARG A 188 3.05 -2.32 27.69
C ARG A 188 3.15 -1.53 26.38
N LYS A 189 2.01 -1.36 25.73
CA LYS A 189 1.94 -0.55 24.52
C LYS A 189 2.15 0.93 24.89
N ILE A 190 2.99 1.58 24.09
CA ILE A 190 3.29 3.00 24.23
C ILE A 190 2.97 3.76 22.90
N MET A 191 2.16 4.79 22.99
CA MET A 191 1.87 5.68 21.85
C MET A 191 2.91 6.83 21.77
N VAL A 192 3.65 6.89 20.67
CA VAL A 192 4.70 7.87 20.42
C VAL A 192 4.29 8.77 19.24
N SER A 193 4.23 10.07 19.50
CA SER A 193 3.83 11.05 18.51
C SER A 193 4.94 11.63 17.64
N THR A 194 4.54 12.06 16.47
CA THR A 194 5.29 12.97 15.65
C THR A 194 5.37 14.35 16.36
N TYR A 195 6.21 15.24 15.85
CA TYR A 195 6.21 16.62 16.27
C TYR A 195 4.79 17.18 16.18
N ALA A 196 4.34 17.73 17.30
CA ALA A 196 2.99 18.28 17.46
C ALA A 196 1.86 17.34 17.11
N ALA A 197 2.13 16.03 17.05
CA ALA A 197 1.22 15.01 16.49
C ALA A 197 0.75 15.38 15.07
N SER A 198 1.63 16.06 14.35
CA SER A 198 1.38 16.57 13.02
C SER A 198 1.45 15.44 12.00
N THR A 199 0.72 15.63 10.90
CA THR A 199 0.80 14.74 9.74
C THR A 199 1.47 15.43 8.54
N ALA A 200 2.14 16.55 8.77
CA ALA A 200 2.85 17.26 7.71
C ALA A 200 4.04 16.39 7.30
N SER A 201 4.41 16.48 6.02
CA SER A 201 5.46 15.61 5.48
C SER A 201 6.73 15.60 6.24
N ASN A 202 7.20 16.78 6.61
CA ASN A 202 8.43 16.87 7.39
C ASN A 202 8.37 16.14 8.72
N ALA A 203 7.26 16.27 9.42
CA ALA A 203 7.10 15.59 10.71
C ALA A 203 7.11 14.05 10.50
N LEU A 204 6.41 13.59 9.48
CA LEU A 204 6.41 12.18 9.07
C LEU A 204 7.81 11.61 8.72
N ASN A 205 8.58 12.37 7.95
CA ASN A 205 9.88 11.92 7.47
C ASN A 205 10.92 11.82 8.59
N ASP A 206 10.92 12.73 9.54
CA ASP A 206 11.90 12.67 10.65
C ASP A 206 11.43 11.86 11.85
N TYR A 207 10.24 11.25 11.77
CA TYR A 207 9.75 10.47 12.90
C TYR A 207 10.68 9.27 13.15
N LEU A 208 11.07 9.07 14.43
CA LEU A 208 11.78 7.87 14.88
C LEU A 208 11.10 7.23 16.06
N VAL A 209 10.96 5.91 15.97
CA VAL A 209 10.45 5.07 17.06
C VAL A 209 11.66 4.75 17.91
N PRO A 210 11.62 5.12 19.22
CA PRO A 210 12.76 4.80 20.11
C PRO A 210 13.13 3.31 20.10
N ASN A 211 14.40 3.02 19.75
CA ASN A 211 14.98 1.64 19.77
C ASN A 211 14.31 0.69 18.78
N GLY A 212 13.57 1.22 17.80
CA GLY A 212 12.64 0.38 17.02
C GLY A 212 11.70 -0.48 17.87
N ASP A 213 11.46 -0.07 19.13
CA ASP A 213 10.63 -0.82 20.09
C ASP A 213 9.40 -1.33 19.40
N LYS A 214 9.17 -2.63 19.49
CA LYS A 214 8.09 -3.28 18.75
C LYS A 214 6.72 -3.10 19.36
N ASN A 215 6.69 -2.62 20.60
CA ASN A 215 5.43 -2.30 21.28
C ASN A 215 5.05 -0.80 21.29
N VAL A 216 5.67 -0.03 20.40
CA VAL A 216 5.33 1.36 20.19
C VAL A 216 4.28 1.50 19.08
N ILE A 217 3.22 2.24 19.37
CA ILE A 217 2.15 2.59 18.44
C ILE A 217 2.37 4.03 18.01
N VAL A 218 2.07 4.35 16.75
CA VAL A 218 2.17 5.73 16.24
C VAL A 218 0.95 6.55 16.70
N SER A 219 1.21 7.78 17.17
CA SER A 219 0.18 8.74 17.53
C SER A 219 0.26 9.94 16.64
N VAL A 220 -0.85 10.21 15.94
CA VAL A 220 -1.05 11.44 15.22
C VAL A 220 -2.44 11.94 15.50
N HIS A 221 -2.61 13.25 15.36
CA HIS A 221 -3.90 13.93 15.48
C HIS A 221 -4.14 14.67 14.16
N SER A 222 -5.31 14.52 13.59
CA SER A 222 -5.58 15.18 12.33
C SER A 222 -7.02 15.67 12.33
N TYR A 223 -7.18 16.94 12.63
CA TYR A 223 -8.51 17.58 12.63
C TYR A 223 -8.86 18.00 11.19
N PHE A 224 -9.04 17.00 10.32
CA PHE A 224 -9.06 17.24 8.88
C PHE A 224 -10.51 17.38 8.39
N PRO A 225 -10.85 18.47 7.70
CA PRO A 225 -9.97 19.58 7.35
C PRO A 225 -10.06 20.66 8.39
N TYR A 226 -8.93 21.30 8.72
CA TYR A 226 -8.88 22.25 9.84
C TYR A 226 -9.85 23.43 9.74
N GLN A 227 -10.18 23.85 8.52
CA GLN A 227 -11.05 25.01 8.31
C GLN A 227 -12.47 24.72 8.88
N PHE A 228 -12.91 23.48 8.72
CA PHE A 228 -14.16 22.98 9.23
C PHE A 228 -14.07 22.59 10.73
N CYS A 229 -12.95 21.99 11.11
CA CYS A 229 -12.84 21.26 12.37
C CYS A 229 -12.39 22.13 13.52
N LEU A 230 -11.47 23.04 13.24
CA LEU A 230 -10.90 23.88 14.24
C LEU A 230 -11.23 25.34 14.13
N ASP A 231 -11.03 25.92 12.94
CA ASP A 231 -11.09 27.39 12.77
C ASP A 231 -12.48 27.97 12.69
N GLY A 232 -13.46 27.16 12.30
CA GLY A 232 -14.79 27.64 12.03
C GLY A 232 -14.91 28.59 10.80
N THR A 233 -13.89 28.66 9.95
CA THR A 233 -13.98 29.44 8.71
C THR A 233 -14.77 28.69 7.64
N ASP A 234 -14.99 27.40 7.80
CA ASP A 234 -15.87 26.68 6.87
C ASP A 234 -16.80 25.80 7.67
N SER A 235 -18.07 25.84 7.36
CA SER A 235 -19.09 25.09 8.15
C SER A 235 -19.81 24.04 7.33
N THR A 236 -19.36 23.81 6.08
CA THR A 236 -19.99 22.85 5.19
C THR A 236 -19.05 21.68 4.96
N TRP A 237 -19.60 20.48 4.94
CA TRP A 237 -18.82 19.31 4.70
C TRP A 237 -19.69 18.25 4.10
N GLY A 238 -19.18 17.65 3.04
CA GLY A 238 -19.88 16.57 2.34
C GLY A 238 -19.74 16.52 0.81
N THR A 239 -19.05 17.45 0.18
CA THR A 239 -18.89 17.38 -1.26
C THR A 239 -17.93 16.28 -1.62
N GLU A 240 -17.87 15.90 -2.89
CA GLU A 240 -16.92 14.89 -3.40
C GLU A 240 -15.50 15.31 -3.07
N ALA A 241 -15.19 16.59 -3.30
CA ALA A 241 -13.90 17.11 -3.00
C ALA A 241 -13.58 16.99 -1.49
N ASP A 242 -14.58 17.17 -0.63
CA ASP A 242 -14.40 17.09 0.82
C ASP A 242 -13.98 15.66 1.14
N LYS A 243 -14.74 14.69 0.61
CA LYS A 243 -14.50 13.29 0.84
C LYS A 243 -13.16 12.82 0.28
N THR A 244 -12.88 13.19 -0.95
CA THR A 244 -11.65 12.77 -1.63
C THR A 244 -10.41 13.23 -0.86
N ALA A 245 -10.43 14.45 -0.38
CA ALA A 245 -9.28 15.05 0.30
C ALA A 245 -9.03 14.42 1.64
N LEU A 246 -10.10 14.09 2.35
CA LEU A 246 -10.02 13.44 3.65
C LEU A 246 -9.45 12.03 3.48
N LEU A 247 -9.98 11.30 2.50
CA LEU A 247 -9.40 10.00 2.12
C LEU A 247 -7.94 10.07 1.78
N ALA A 248 -7.54 11.10 1.05
CA ALA A 248 -6.13 11.30 0.73
C ALA A 248 -5.28 11.62 1.98
N GLU A 249 -5.83 12.36 2.96
CA GLU A 249 -5.08 12.60 4.22
C GLU A 249 -4.87 11.29 4.96
N LEU A 250 -5.94 10.50 5.10
CA LEU A 250 -5.82 9.20 5.77
C LEU A 250 -4.94 8.19 5.02
N ASP A 251 -4.99 8.19 3.68
CA ASP A 251 -4.11 7.33 2.86
C ASP A 251 -2.66 7.69 3.09
N LYS A 252 -2.33 8.98 3.15
CA LYS A 252 -0.96 9.40 3.42
C LYS A 252 -0.47 8.83 4.76
N ILE A 253 -1.36 8.75 5.74
CA ILE A 253 -1.03 8.22 7.05
C ILE A 253 -0.82 6.70 6.98
N ARG A 254 -1.76 5.99 6.37
CA ARG A 254 -1.65 4.57 6.14
C ARG A 254 -0.35 4.20 5.35
N ASP A 255 -0.13 4.86 4.22
CA ASP A 255 0.96 4.48 3.31
C ASP A 255 2.30 4.61 4.00
N LYS A 256 2.47 5.68 4.77
CA LYS A 256 3.70 5.91 5.51
C LYS A 256 3.83 4.97 6.70
N PHE A 257 2.87 4.97 7.64
CA PHE A 257 3.10 4.26 8.89
C PHE A 257 2.75 2.79 8.84
N ILE A 258 1.63 2.47 8.18
CA ILE A 258 1.09 1.12 8.22
C ILE A 258 1.78 0.24 7.17
N VAL A 259 1.83 0.71 5.94
CA VAL A 259 2.33 -0.09 4.83
C VAL A 259 3.85 -0.05 4.86
N GLU A 260 4.43 1.13 4.64
CA GLU A 260 5.87 1.24 4.50
C GLU A 260 6.61 0.92 5.84
N ASP A 261 6.09 1.33 6.98
CA ASP A 261 6.81 1.17 8.26
C ASP A 261 6.31 0.01 9.10
N ASN A 262 5.26 -0.68 8.69
CA ASN A 262 4.66 -1.77 9.48
C ASN A 262 4.36 -1.41 10.95
N ARG A 263 3.76 -0.23 11.13
CA ARG A 263 3.33 0.26 12.43
C ARG A 263 1.81 0.35 12.52
N ALA A 264 1.28 0.26 13.73
CA ALA A 264 -0.11 0.60 14.02
C ALA A 264 -0.25 2.10 14.39
N VAL A 265 -1.44 2.65 14.15
CA VAL A 265 -1.72 4.09 14.28
C VAL A 265 -3.00 4.32 15.05
N VAL A 266 -2.88 5.12 16.12
CA VAL A 266 -4.03 5.60 16.86
C VAL A 266 -4.18 7.08 16.56
N MET A 267 -5.33 7.45 15.99
CA MET A 267 -5.67 8.86 15.77
C MET A 267 -6.25 9.38 17.07
N GLY A 268 -5.35 9.80 17.97
CA GLY A 268 -5.74 10.01 19.37
C GLY A 268 -6.57 11.27 19.60
N SER A 269 -6.71 12.11 18.57
CA SER A 269 -7.58 13.27 18.60
C SER A 269 -7.94 13.67 17.21
N TRP A 270 -9.23 13.98 17.05
CA TRP A 270 -9.82 14.49 15.82
C TRP A 270 -11.22 14.91 16.27
N GLY A 271 -11.93 15.59 15.39
CA GLY A 271 -13.33 15.95 15.56
C GLY A 271 -13.57 17.28 14.93
N SER A 272 -14.76 17.84 15.13
CA SER A 272 -15.13 19.14 14.64
C SER A 272 -15.84 19.95 15.70
N THR A 273 -15.51 21.23 15.76
CA THR A 273 -16.15 22.20 16.64
C THR A 273 -17.54 22.50 16.07
N PHE A 274 -18.47 22.82 16.94
CA PHE A 274 -19.83 23.15 16.52
C PHE A 274 -19.92 24.51 15.82
N SER A 275 -20.48 24.55 14.62
CA SER A 275 -20.62 25.80 13.89
C SER A 275 -22.02 25.97 13.31
N ASP A 276 -23.04 25.61 14.08
CA ASP A 276 -24.47 25.62 13.69
C ASP A 276 -24.72 24.73 12.46
N ASN A 277 -24.00 23.61 12.37
CA ASN A 277 -24.04 22.73 11.25
C ASN A 277 -24.12 21.30 11.69
N PRO A 278 -25.20 20.93 12.37
CA PRO A 278 -25.29 19.56 12.84
C PRO A 278 -25.28 18.50 11.74
N GLU A 279 -25.93 18.74 10.62
CA GLU A 279 -25.95 17.77 9.51
C GLU A 279 -24.56 17.49 8.93
N ASP A 280 -23.76 18.53 8.75
CA ASP A 280 -22.39 18.39 8.24
C ASP A 280 -21.46 17.70 9.23
N ARG A 281 -21.59 18.04 10.51
CA ARG A 281 -20.78 17.43 11.56
C ARG A 281 -21.05 15.95 11.61
N LEU A 282 -22.31 15.57 11.53
CA LEU A 282 -22.64 14.18 11.54
C LEU A 282 -22.03 13.46 10.34
N ALA A 283 -22.17 14.03 9.16
CA ALA A 283 -21.68 13.40 7.94
C ALA A 283 -20.17 13.26 7.97
N HIS A 284 -19.51 14.31 8.44
CA HIS A 284 -18.07 14.29 8.61
C HIS A 284 -17.61 13.23 9.61
N ALA A 285 -18.27 13.16 10.76
CA ALA A 285 -17.94 12.17 11.77
C ALA A 285 -18.12 10.74 11.28
N GLU A 286 -19.26 10.45 10.67
CA GLU A 286 -19.54 9.12 10.09
C GLU A 286 -18.45 8.76 9.10
N PHE A 287 -18.15 9.67 8.19
CA PHE A 287 -17.20 9.39 7.10
C PHE A 287 -15.78 9.23 7.64
N TYR A 288 -15.36 10.09 8.58
CA TYR A 288 -14.01 10.05 9.10
C TYR A 288 -13.78 8.75 9.87
N ALA A 289 -14.72 8.39 10.72
CA ALA A 289 -14.57 7.16 11.53
C ALA A 289 -14.56 5.94 10.64
N ARG A 290 -15.44 5.91 9.63
CA ARG A 290 -15.51 4.75 8.72
C ARG A 290 -14.17 4.61 7.97
N ALA A 291 -13.67 5.72 7.47
CA ALA A 291 -12.38 5.71 6.76
C ALA A 291 -11.19 5.27 7.61
N CYS A 292 -11.20 5.64 8.90
CA CYS A 292 -10.21 5.14 9.86
C CYS A 292 -10.37 3.63 10.06
N ALA A 293 -11.60 3.16 10.33
CA ALA A 293 -11.88 1.72 10.50
C ALA A 293 -11.41 0.89 9.32
N GLU A 294 -11.71 1.35 8.10
CA GLU A 294 -11.30 0.64 6.86
C GLU A 294 -9.77 0.55 6.72
N ARG A 295 -9.03 1.52 7.29
CA ARG A 295 -7.56 1.50 7.27
C ARG A 295 -6.94 0.89 8.54
N GLY A 296 -7.75 0.37 9.45
CA GLY A 296 -7.19 -0.18 10.70
C GLY A 296 -6.67 0.86 11.71
N ILE A 297 -7.13 2.10 11.54
CA ILE A 297 -6.75 3.19 12.47
C ILE A 297 -7.79 3.30 13.57
N CYS A 298 -7.35 3.41 14.83
CA CYS A 298 -8.28 3.68 15.95
C CYS A 298 -8.60 5.17 16.04
N PRO A 299 -9.87 5.56 15.83
CA PRO A 299 -10.23 6.97 15.95
C PRO A 299 -10.71 7.36 17.34
N ILE A 300 -10.13 8.42 17.93
CA ILE A 300 -10.55 8.88 19.29
C ILE A 300 -11.03 10.34 19.24
N TRP A 301 -12.36 10.52 19.37
CA TRP A 301 -13.02 11.83 19.28
C TRP A 301 -12.56 12.76 20.43
N TRP A 302 -12.24 14.02 20.10
CA TRP A 302 -11.89 15.02 21.09
C TRP A 302 -13.15 15.66 21.62
N ASP A 303 -13.38 15.53 22.93
CA ASP A 303 -14.54 16.07 23.61
C ASP A 303 -14.05 16.96 24.74
N ASN A 304 -14.36 18.24 24.67
CA ASN A 304 -13.89 19.18 25.72
C ASN A 304 -14.96 19.54 26.72
N GLY A 305 -16.07 18.81 26.64
CA GLY A 305 -17.21 19.00 27.56
C GLY A 305 -18.06 20.23 27.33
N ASN A 306 -17.78 21.03 26.31
CA ASN A 306 -18.57 22.23 26.03
C ASN A 306 -19.35 21.99 24.75
N VAL A 307 -20.67 21.96 24.87
CA VAL A 307 -21.59 21.63 23.78
C VAL A 307 -21.48 22.61 22.61
N ASP A 308 -21.05 23.83 22.84
CA ASP A 308 -20.85 24.81 21.75
C ASP A 308 -19.53 24.59 20.98
N GLU A 309 -18.71 23.65 21.44
CA GLU A 309 -17.38 23.39 20.83
C GLU A 309 -17.31 21.92 20.47
N PHE A 310 -16.65 21.08 21.28
CA PHE A 310 -16.41 19.69 20.97
C PHE A 310 -17.25 18.72 21.81
N GLY A 311 -18.02 19.25 22.76
CA GLY A 311 -18.77 18.39 23.65
C GLY A 311 -19.97 17.68 23.00
N ILE A 312 -19.91 16.37 22.96
CA ILE A 312 -21.05 15.58 22.52
C ILE A 312 -21.73 14.81 23.66
N PHE A 313 -21.14 14.84 24.85
CA PHE A 313 -21.69 14.22 26.05
C PHE A 313 -21.83 15.28 27.13
N ASN A 314 -22.96 15.29 27.84
CA ASN A 314 -23.22 16.18 28.96
C ASN A 314 -22.78 15.50 30.24
N ARG A 315 -21.72 16.03 30.84
CA ARG A 315 -21.10 15.36 31.97
C ARG A 315 -21.91 15.59 33.24
N ASN A 316 -22.68 16.69 33.28
CA ASN A 316 -23.50 17.02 34.45
C ASN A 316 -24.76 16.16 34.58
N THR A 317 -25.50 15.99 33.47
CA THR A 317 -26.73 15.20 33.41
C THR A 317 -26.49 13.73 33.01
N LEU A 318 -25.34 13.42 32.44
CA LEU A 318 -25.08 12.08 31.85
C LEU A 318 -25.96 11.70 30.62
N GLU A 319 -26.52 12.70 29.94
CA GLU A 319 -27.23 12.57 28.68
C GLU A 319 -26.23 12.95 27.55
N TRP A 320 -26.45 12.39 26.36
CA TRP A 320 -25.66 12.77 25.19
C TRP A 320 -26.24 14.00 24.58
N ASN A 321 -25.43 15.01 24.33
CA ASN A 321 -25.90 16.19 23.59
C ASN A 321 -26.13 15.85 22.11
N TYR A 322 -25.25 15.02 21.54
CA TYR A 322 -25.26 14.70 20.08
C TYR A 322 -25.00 13.22 19.96
N PRO A 323 -25.96 12.39 20.38
CA PRO A 323 -25.81 10.93 20.35
C PRO A 323 -25.60 10.40 18.95
N GLU A 324 -26.15 11.05 17.96
CA GLU A 324 -25.95 10.60 16.61
C GLU A 324 -24.47 10.62 16.22
N ILE A 325 -23.71 11.64 16.62
CA ILE A 325 -22.29 11.70 16.34
C ILE A 325 -21.59 10.55 17.03
N ALA A 326 -21.94 10.33 18.28
CA ALA A 326 -21.38 9.22 19.02
C ALA A 326 -21.67 7.88 18.33
N GLU A 327 -22.92 7.66 17.97
CA GLU A 327 -23.33 6.41 17.30
C GLU A 327 -22.63 6.23 15.95
N ALA A 328 -22.40 7.32 15.24
CA ALA A 328 -21.63 7.25 13.98
C ALA A 328 -20.16 6.90 14.18
N ILE A 329 -19.56 7.39 15.27
CA ILE A 329 -18.16 7.07 15.55
C ILE A 329 -17.96 5.59 15.91
N VAL A 330 -18.85 5.04 16.73
CA VAL A 330 -18.67 3.67 17.23
C VAL A 330 -19.14 2.58 16.25
N LYS A 331 -19.81 2.97 15.16
CA LYS A 331 -19.98 2.24 13.88
C LYS A 331 -21.29 1.46 13.83
N SER B 1 22.06 15.45 -20.51
CA SER B 1 23.12 16.39 -20.21
C SER B 1 22.83 17.36 -19.07
N ASN B 2 21.63 17.29 -18.51
CA ASN B 2 21.22 18.16 -17.43
C ASN B 2 21.62 17.80 -16.00
N MET B 3 22.04 18.78 -15.21
CA MET B 3 22.38 18.57 -13.80
C MET B 3 21.46 19.36 -12.90
N ARG B 4 20.64 18.69 -12.12
CA ARG B 4 19.72 19.39 -11.25
C ARG B 4 20.30 19.83 -9.93
N GLU B 5 19.61 20.76 -9.27
CA GLU B 5 20.03 21.15 -7.92
C GLU B 5 19.23 20.20 -7.06
N ILE B 6 19.88 19.14 -6.57
CA ILE B 6 19.17 18.07 -5.87
C ILE B 6 20.10 17.45 -4.83
N ALA B 7 19.70 17.52 -3.57
CA ALA B 7 20.50 16.98 -2.49
C ALA B 7 20.51 15.42 -2.56
N PRO B 8 21.57 14.78 -2.04
CA PRO B 8 21.69 13.31 -2.06
C PRO B 8 20.49 12.56 -1.50
N LYS B 9 19.93 13.02 -0.39
CA LYS B 9 18.73 12.42 0.19
C LYS B 9 17.56 12.28 -0.78
N GLU B 10 17.22 13.38 -1.46
CA GLU B 10 16.16 13.41 -2.46
C GLU B 10 16.56 12.60 -3.71
N PHE B 11 17.81 12.72 -4.12
CA PHE B 11 18.33 11.97 -5.28
C PHE B 11 18.17 10.44 -5.06
N VAL B 12 18.56 9.96 -3.88
CA VAL B 12 18.45 8.52 -3.55
C VAL B 12 17.01 8.03 -3.49
N LEU B 13 16.07 8.85 -2.98
CA LEU B 13 14.65 8.47 -3.09
C LEU B 13 14.22 8.36 -4.55
N ASP B 14 14.63 9.32 -5.38
CA ASP B 14 14.27 9.29 -6.81
C ASP B 14 14.87 8.11 -7.55
N MET B 15 16.00 7.58 -7.04
CA MET B 15 16.61 6.37 -7.60
C MET B 15 15.70 5.11 -7.51
N GLY B 16 14.67 5.16 -6.65
CA GLY B 16 13.71 4.06 -6.54
C GLY B 16 14.47 2.80 -6.08
N ALA B 17 14.17 1.70 -6.76
CA ALA B 17 14.84 0.42 -6.56
C ALA B 17 15.69 0.14 -7.78
N GLY B 18 16.75 -0.66 -7.57
CA GLY B 18 17.72 -1.00 -8.61
C GLY B 18 17.95 -2.49 -8.82
N TRP B 19 18.58 -2.79 -9.96
CA TRP B 19 18.95 -4.13 -10.34
C TRP B 19 20.37 -4.11 -10.89
N ASN B 20 21.17 -5.11 -10.50
CA ASN B 20 22.53 -5.29 -10.96
C ASN B 20 22.59 -6.18 -12.18
N LEU B 21 23.32 -5.70 -13.20
CA LEU B 21 23.74 -6.49 -14.33
C LEU B 21 25.01 -7.23 -13.96
N GLY B 22 24.87 -8.19 -13.06
CA GLY B 22 26.04 -8.88 -12.48
C GLY B 22 26.57 -9.98 -13.42
N ASN B 23 27.82 -10.33 -13.20
CA ASN B 23 28.54 -11.30 -14.02
C ASN B 23 28.46 -10.99 -15.51
N ALA B 24 28.60 -9.71 -15.87
CA ALA B 24 28.63 -9.29 -17.27
C ALA B 24 29.93 -8.55 -17.50
N MET B 25 29.93 -7.22 -17.48
CA MET B 25 31.14 -6.42 -17.62
C MET B 25 32.08 -6.50 -16.42
N ASP B 26 31.57 -7.00 -15.28
CA ASP B 26 32.39 -7.28 -14.10
C ASP B 26 33.12 -8.61 -14.14
N THR B 27 32.79 -9.45 -15.12
CA THR B 27 33.39 -10.77 -15.24
C THR B 27 34.92 -10.71 -15.22
N TYR B 28 35.52 -11.55 -14.39
CA TYR B 28 36.99 -11.57 -14.23
C TYR B 28 37.64 -12.43 -15.30
N ASN B 29 37.67 -11.89 -16.50
CA ASN B 29 38.17 -12.57 -17.69
C ASN B 29 38.17 -11.50 -18.79
N SER B 30 39.03 -11.64 -19.79
CA SER B 30 39.04 -10.65 -20.89
C SER B 30 37.76 -10.69 -21.72
N ASP B 31 37.13 -11.86 -21.72
CA ASP B 31 35.81 -12.09 -22.36
C ASP B 31 34.70 -12.00 -21.33
N GLU B 32 33.87 -10.97 -21.46
CA GLU B 32 32.76 -10.74 -20.55
C GLU B 32 31.64 -11.78 -20.58
N THR B 33 31.68 -12.71 -21.53
CA THR B 33 30.74 -13.84 -21.55
C THR B 33 31.25 -15.07 -20.80
N ALA B 34 32.48 -15.01 -20.25
CA ALA B 34 33.10 -16.22 -19.68
C ALA B 34 32.42 -16.73 -18.40
N TRP B 35 31.62 -15.90 -17.74
CA TRP B 35 30.92 -16.29 -16.52
C TRP B 35 29.43 -16.61 -16.77
N GLY B 36 29.10 -16.92 -18.04
CA GLY B 36 27.84 -17.54 -18.40
C GLY B 36 26.76 -16.60 -18.85
N ASN B 37 27.06 -15.29 -18.93
CA ASN B 37 26.06 -14.33 -19.41
C ASN B 37 26.37 -13.80 -20.81
N PRO B 38 25.31 -13.62 -21.62
CA PRO B 38 25.50 -13.14 -22.95
C PRO B 38 25.83 -11.66 -23.01
N LEU B 39 26.30 -11.24 -24.17
CA LEU B 39 26.51 -9.82 -24.46
C LEU B 39 25.23 -9.06 -24.26
N THR B 40 25.28 -8.03 -23.41
CA THR B 40 24.06 -7.37 -22.96
C THR B 40 23.42 -6.56 -24.09
N THR B 41 22.08 -6.60 -24.20
CA THR B 41 21.33 -5.91 -25.26
C THR B 41 20.34 -4.94 -24.67
N LYS B 42 19.85 -4.04 -25.51
CA LYS B 42 18.84 -3.08 -25.09
C LYS B 42 17.56 -3.78 -24.66
N ALA B 43 17.22 -4.87 -25.34
CA ALA B 43 15.99 -5.61 -25.06
C ALA B 43 15.99 -6.19 -23.64
N MET B 44 17.16 -6.62 -23.18
CA MET B 44 17.31 -7.04 -21.76
C MET B 44 17.00 -5.88 -20.84
N ILE B 45 17.66 -4.75 -21.08
CA ILE B 45 17.49 -3.57 -20.20
C ILE B 45 16.07 -3.05 -20.26
N ASP B 46 15.43 -3.14 -21.43
CA ASP B 46 14.00 -2.69 -21.57
C ASP B 46 13.12 -3.44 -20.57
N GLU B 47 13.33 -4.74 -20.46
CA GLU B 47 12.57 -5.56 -19.49
C GLU B 47 12.81 -5.15 -18.02
N ILE B 48 14.06 -4.82 -17.69
CA ILE B 48 14.40 -4.36 -16.33
C ILE B 48 13.58 -3.12 -16.04
N ALA B 49 13.53 -2.21 -16.99
CA ALA B 49 12.78 -0.97 -16.84
C ALA B 49 11.26 -1.14 -16.75
N LYS B 50 10.73 -2.02 -17.58
CA LYS B 50 9.32 -2.34 -17.63
C LYS B 50 8.82 -2.93 -16.33
N MET B 51 9.65 -3.75 -15.70
CA MET B 51 9.34 -4.35 -14.43
C MET B 51 9.17 -3.28 -13.36
N GLY B 52 9.78 -2.13 -13.53
CA GLY B 52 9.67 -1.04 -12.55
C GLY B 52 10.99 -0.64 -11.84
N PHE B 53 12.10 -1.27 -12.20
CA PHE B 53 13.39 -0.85 -11.66
C PHE B 53 13.76 0.48 -12.24
N LYS B 54 14.14 1.42 -11.37
CA LYS B 54 14.48 2.78 -11.76
C LYS B 54 16.00 2.98 -11.92
N THR B 55 16.78 2.06 -11.35
CA THR B 55 18.23 2.17 -11.37
C THR B 55 18.83 0.89 -11.91
N LEU B 56 19.75 1.05 -12.84
CA LEU B 56 20.60 -0.03 -13.27
C LEU B 56 21.99 0.23 -12.69
N ARG B 57 22.51 -0.78 -11.95
CA ARG B 57 23.93 -0.80 -11.59
C ARG B 57 24.61 -1.63 -12.64
N LEU B 58 25.67 -1.03 -13.19
CA LEU B 58 26.47 -1.56 -14.26
C LEU B 58 27.90 -1.78 -13.74
N PRO B 59 28.12 -2.87 -13.00
CA PRO B 59 29.48 -3.10 -12.51
C PRO B 59 30.47 -3.43 -13.64
N VAL B 60 31.69 -2.89 -13.55
CA VAL B 60 32.71 -3.08 -14.61
C VAL B 60 34.06 -3.40 -14.01
N THR B 61 34.64 -4.50 -14.48
CA THR B 61 35.97 -4.91 -14.10
C THR B 61 36.84 -4.44 -15.25
N TRP B 62 37.85 -3.62 -14.93
CA TRP B 62 38.68 -2.94 -15.92
C TRP B 62 40.03 -3.60 -16.19
N LYS B 63 40.51 -4.45 -15.26
CA LYS B 63 41.84 -5.05 -15.31
C LYS B 63 42.28 -5.54 -16.69
N PHE B 64 41.44 -6.33 -17.36
CA PHE B 64 41.84 -6.90 -18.64
C PHE B 64 41.85 -5.97 -19.83
N HIS B 65 41.48 -4.72 -19.62
CA HIS B 65 41.44 -3.73 -20.71
C HIS B 65 42.15 -2.42 -20.34
N ILE B 66 43.03 -2.48 -19.34
CA ILE B 66 43.93 -1.38 -19.02
C ILE B 66 45.33 -1.74 -19.57
N GLY B 67 45.88 -0.86 -20.38
CA GLY B 67 47.19 -1.06 -20.95
C GLY B 67 48.26 -0.81 -19.90
N GLU B 68 49.49 -1.08 -20.29
CA GLU B 68 50.60 -0.93 -19.38
C GLU B 68 50.81 0.51 -18.94
N GLY B 69 51.23 0.66 -17.70
CA GLY B 69 51.62 1.97 -17.18
C GLY B 69 52.94 2.38 -17.81
N PRO B 70 53.28 3.66 -17.84
CA PRO B 70 52.85 4.83 -17.09
C PRO B 70 51.44 5.35 -17.38
N ASP B 71 51.00 5.27 -18.63
CA ASP B 71 49.68 5.78 -19.04
C ASP B 71 48.47 5.02 -18.47
N TYR B 72 48.57 3.69 -18.39
CA TYR B 72 47.48 2.79 -17.99
C TYR B 72 46.24 3.05 -18.84
N LEU B 73 46.41 3.13 -20.15
CA LEU B 73 45.35 3.49 -21.07
C LEU B 73 44.25 2.44 -21.11
N ILE B 74 43.01 2.89 -21.03
CA ILE B 74 41.85 1.98 -21.11
C ILE B 74 41.52 1.82 -22.57
N GLU B 75 41.38 0.57 -23.03
CA GLU B 75 40.97 0.29 -24.40
C GLU B 75 39.70 1.07 -24.71
N ALA B 76 39.73 1.80 -25.82
CA ALA B 76 38.61 2.64 -26.23
C ALA B 76 37.39 1.78 -26.53
N ASN B 77 37.61 0.61 -27.12
CA ASN B 77 36.53 -0.32 -27.44
C ASN B 77 35.78 -0.82 -26.17
N TRP B 78 36.52 -1.02 -25.11
CA TRP B 78 35.95 -1.45 -23.85
C TRP B 78 35.07 -0.33 -23.26
N LEU B 79 35.57 0.90 -23.27
CA LEU B 79 34.74 2.06 -22.93
C LEU B 79 33.49 2.17 -23.79
N ASP B 80 33.61 1.83 -25.07
CA ASP B 80 32.44 1.85 -25.97
C ASP B 80 31.38 0.85 -25.54
N LYS B 81 31.80 -0.31 -25.09
CA LYS B 81 30.85 -1.33 -24.62
C LYS B 81 30.13 -0.84 -23.37
N VAL B 82 30.86 -0.27 -22.43
CA VAL B 82 30.27 0.26 -21.19
C VAL B 82 29.29 1.36 -21.56
N GLU B 83 29.71 2.22 -22.48
CA GLU B 83 28.90 3.38 -22.84
C GLU B 83 27.60 2.96 -23.49
N ALA B 84 27.64 1.97 -24.38
CA ALA B 84 26.43 1.51 -25.01
C ALA B 84 25.44 0.99 -23.99
N ILE B 85 25.91 0.19 -23.02
CA ILE B 85 25.02 -0.40 -22.02
C ILE B 85 24.42 0.71 -21.16
N ALA B 86 25.25 1.66 -20.76
CA ALA B 86 24.75 2.80 -20.02
C ALA B 86 23.60 3.51 -20.75
N ASN B 87 23.75 3.70 -22.05
CA ASN B 87 22.72 4.34 -22.86
C ASN B 87 21.45 3.50 -22.97
N PHE B 88 21.57 2.18 -23.03
CA PHE B 88 20.36 1.32 -22.93
C PHE B 88 19.51 1.72 -21.73
N ALA B 89 20.15 2.04 -20.61
CA ALA B 89 19.43 2.39 -19.37
C ALA B 89 18.95 3.82 -19.36
N LEU B 90 19.80 4.74 -19.81
CA LEU B 90 19.42 6.16 -19.83
C LEU B 90 18.23 6.44 -20.74
N GLU B 91 18.18 5.73 -21.86
CA GLU B 91 17.08 5.79 -22.82
C GLU B 91 15.77 5.34 -22.21
N ASN B 92 15.84 4.44 -21.24
CA ASN B 92 14.70 3.93 -20.54
C ASN B 92 14.31 4.76 -19.31
N GLU B 93 14.91 5.93 -19.18
CA GLU B 93 14.73 6.89 -18.09
C GLU B 93 15.21 6.39 -16.74
N MET B 94 16.21 5.51 -16.79
CA MET B 94 16.78 4.95 -15.59
C MET B 94 18.04 5.64 -15.16
N TYR B 95 18.30 5.63 -13.86
CA TYR B 95 19.65 5.97 -13.36
C TYR B 95 20.59 4.82 -13.75
N VAL B 96 21.87 5.15 -13.91
CA VAL B 96 22.90 4.14 -14.19
C VAL B 96 24.09 4.42 -13.32
N ILE B 97 24.59 3.37 -12.66
CA ILE B 97 25.78 3.43 -11.82
C ILE B 97 26.88 2.66 -12.52
N ILE B 98 28.01 3.32 -12.76
CA ILE B 98 29.21 2.69 -13.32
C ILE B 98 30.27 2.67 -12.25
N ASN B 99 30.92 1.52 -12.08
CA ASN B 99 31.93 1.36 -11.05
C ASN B 99 33.28 0.78 -11.52
N ILE B 100 34.18 0.63 -10.54
CA ILE B 100 35.34 -0.24 -10.62
C ILE B 100 35.03 -1.43 -9.71
N HIS B 101 35.02 -2.64 -10.32
CA HIS B 101 34.52 -3.85 -9.66
C HIS B 101 35.64 -4.82 -9.23
N HIS B 102 35.88 -5.93 -9.94
CA HIS B 102 36.85 -6.97 -9.46
C HIS B 102 38.30 -6.65 -9.85
N ASP B 103 38.78 -5.50 -9.38
CA ASP B 103 40.07 -4.92 -9.74
C ASP B 103 41.03 -4.85 -8.52
N GLU B 104 40.76 -5.68 -7.52
CA GLU B 104 41.52 -5.65 -6.27
C GLU B 104 42.98 -6.10 -6.46
N THR B 105 43.30 -6.80 -7.57
CA THR B 105 44.68 -7.22 -7.80
C THR B 105 45.64 -6.05 -8.01
N TRP B 106 45.17 -4.93 -8.53
CA TRP B 106 46.02 -3.74 -8.62
C TRP B 106 45.58 -2.61 -7.68
N ILE B 107 44.62 -2.90 -6.79
CA ILE B 107 44.14 -1.90 -5.82
C ILE B 107 44.37 -2.48 -4.43
N LEU B 108 45.66 -2.68 -4.10
CA LEU B 108 46.04 -3.29 -2.84
C LEU B 108 46.11 -2.21 -1.73
N PRO B 109 45.27 -2.31 -0.70
CA PRO B 109 45.28 -1.29 0.36
C PRO B 109 46.33 -1.50 1.49
N THR B 110 47.58 -1.21 1.12
CA THR B 110 48.74 -1.17 2.06
C THR B 110 49.48 0.13 1.85
N TYR B 111 50.17 0.59 2.90
CA TYR B 111 50.94 1.85 2.83
C TYR B 111 52.05 1.74 1.79
N GLU B 112 52.65 0.54 1.73
CA GLU B 112 53.71 0.22 0.76
C GLU B 112 53.25 0.39 -0.68
N LYS B 113 52.02 -0.05 -0.99
CA LYS B 113 51.50 0.02 -2.37
C LYS B 113 50.78 1.35 -2.68
N ALA B 114 50.44 2.12 -1.64
CA ALA B 114 49.56 3.28 -1.80
C ALA B 114 49.93 4.23 -2.93
N ASP B 115 51.15 4.65 -3.02
CA ASP B 115 51.51 5.59 -4.06
C ASP B 115 51.36 5.02 -5.45
N GLU B 116 51.72 3.76 -5.64
CA GLU B 116 51.54 3.15 -6.94
C GLU B 116 50.06 3.02 -7.31
N VAL B 117 49.24 2.57 -6.38
CA VAL B 117 47.81 2.39 -6.57
C VAL B 117 47.12 3.70 -6.82
N LYS B 118 47.44 4.69 -6.01
CA LYS B 118 46.88 6.04 -6.19
C LYS B 118 47.15 6.60 -7.56
N ASP B 119 48.36 6.42 -8.04
CA ASP B 119 48.71 6.89 -9.36
C ASP B 119 47.85 6.23 -10.45
N GLU B 120 47.74 4.88 -10.39
CA GLU B 120 47.00 4.14 -11.44
C GLU B 120 45.49 4.49 -11.39
N LEU B 121 44.92 4.45 -10.19
CA LEU B 121 43.52 4.83 -9.95
C LEU B 121 43.18 6.20 -10.45
N SER B 122 44.05 7.14 -10.12
CA SER B 122 43.91 8.51 -10.61
C SER B 122 43.83 8.55 -12.12
N LYS B 123 44.70 7.85 -12.79
CA LYS B 123 44.69 7.90 -14.25
C LYS B 123 43.50 7.15 -14.83
N VAL B 124 43.11 6.03 -14.21
CA VAL B 124 41.96 5.25 -14.67
C VAL B 124 40.65 6.03 -14.46
N TRP B 125 40.42 6.58 -13.27
CA TRP B 125 39.16 7.32 -13.02
C TRP B 125 39.11 8.59 -13.86
N THR B 126 40.27 9.21 -14.10
CA THR B 126 40.35 10.33 -15.07
C THR B 126 39.79 9.92 -16.43
N GLN B 127 40.18 8.76 -16.94
CA GLN B 127 39.73 8.35 -18.28
C GLN B 127 38.25 7.96 -18.32
N ILE B 128 37.78 7.27 -17.27
CA ILE B 128 36.35 6.90 -17.21
C ILE B 128 35.55 8.20 -17.14
N ALA B 129 35.94 9.09 -16.23
CA ALA B 129 35.23 10.34 -16.06
C ALA B 129 35.22 11.17 -17.31
N ASN B 130 36.33 11.21 -18.02
CA ASN B 130 36.39 11.98 -19.25
C ASN B 130 35.45 11.46 -20.31
N ARG B 131 35.36 10.15 -20.42
CA ARG B 131 34.47 9.55 -21.40
C ARG B 131 32.99 9.88 -21.14
N PHE B 132 32.60 9.97 -19.87
CA PHE B 132 31.21 10.21 -19.50
C PHE B 132 30.92 11.61 -19.03
N LYS B 133 31.85 12.51 -19.25
CA LYS B 133 31.75 13.87 -18.77
C LYS B 133 30.52 14.63 -19.21
N THR B 134 30.07 14.45 -20.44
CA THR B 134 28.92 15.19 -20.94
C THR B 134 27.55 14.68 -20.44
N TYR B 135 27.51 13.52 -19.82
CA TYR B 135 26.24 12.96 -19.40
C TYR B 135 25.66 13.70 -18.21
N GLY B 136 24.34 13.68 -18.10
CA GLY B 136 23.62 14.33 -17.01
C GLY B 136 23.61 13.51 -15.74
N ASP B 137 22.80 13.93 -14.78
CA ASP B 137 22.92 13.41 -13.40
C ASP B 137 22.27 12.06 -13.15
N TYR B 138 21.62 11.50 -14.18
CA TYR B 138 21.13 10.13 -14.13
C TYR B 138 22.30 9.15 -14.18
N LEU B 139 23.46 9.60 -14.66
CA LEU B 139 24.68 8.80 -14.61
C LEU B 139 25.49 9.09 -13.34
N ILE B 140 25.73 8.04 -12.58
CA ILE B 140 26.38 8.06 -11.28
C ILE B 140 27.70 7.28 -11.40
N PHE B 141 28.76 7.77 -10.75
CA PHE B 141 29.99 7.00 -10.57
C PHE B 141 30.05 6.41 -9.17
N GLU B 142 30.52 5.16 -9.12
CA GLU B 142 30.84 4.51 -7.85
C GLU B 142 32.34 4.18 -7.93
N THR B 143 33.12 4.75 -7.01
CA THR B 143 34.56 4.75 -7.15
C THR B 143 35.19 3.36 -7.00
N LEU B 144 34.79 2.59 -5.98
CA LEU B 144 35.33 1.25 -5.70
C LEU B 144 34.29 0.32 -5.14
N ASN B 145 34.17 -0.87 -5.71
CA ASN B 145 33.12 -1.80 -5.37
C ASN B 145 33.17 -2.26 -3.94
N GLU B 146 34.14 -3.13 -3.65
CA GLU B 146 34.36 -3.70 -2.35
C GLU B 146 35.89 -3.69 -2.07
N PRO B 147 36.52 -2.49 -2.03
CA PRO B 147 37.98 -2.39 -1.92
C PRO B 147 38.47 -2.98 -0.57
N ARG B 148 39.49 -3.80 -0.67
CA ARG B 148 39.95 -4.65 0.40
C ARG B 148 41.26 -5.35 0.02
N HIS B 149 41.83 -6.02 1.02
CA HIS B 149 43.05 -6.81 0.89
C HIS B 149 42.64 -8.27 0.78
N LYS B 150 42.57 -8.78 -0.44
CA LYS B 150 42.17 -10.18 -0.68
C LYS B 150 43.13 -11.17 -0.01
N GLY B 151 42.60 -12.18 0.64
CA GLY B 151 43.42 -13.24 1.24
C GLY B 151 43.70 -13.07 2.73
N THR B 152 43.55 -11.86 3.26
CA THR B 152 43.92 -11.58 4.65
C THR B 152 42.81 -12.06 5.57
N PRO B 153 43.13 -12.31 6.86
CA PRO B 153 42.09 -12.75 7.81
C PRO B 153 40.98 -11.72 8.07
N GLU B 154 41.26 -10.44 7.83
CA GLU B 154 40.27 -9.38 8.10
C GLU B 154 39.52 -8.88 6.83
N GLU B 155 39.79 -9.52 5.69
CA GLU B 155 39.14 -9.22 4.41
C GLU B 155 37.65 -8.93 4.48
N TRP B 156 36.92 -9.84 5.10
CA TRP B 156 35.48 -9.76 5.25
C TRP B 156 35.01 -9.35 6.66
N LYS B 157 35.92 -8.82 7.48
CA LYS B 157 35.62 -8.38 8.86
C LYS B 157 36.02 -6.91 9.11
N GLY B 158 35.98 -6.12 8.04
CA GLY B 158 36.21 -4.70 8.10
C GLY B 158 37.64 -4.28 7.97
N GLY B 159 38.53 -5.20 7.59
CA GLY B 159 39.92 -4.86 7.34
C GLY B 159 40.75 -4.61 8.60
N THR B 160 41.98 -4.20 8.34
CA THR B 160 42.88 -3.72 9.38
C THR B 160 42.77 -2.21 9.38
N GLN B 161 43.33 -1.61 10.43
CA GLN B 161 43.44 -0.16 10.52
C GLN B 161 44.14 0.40 9.29
N GLU B 162 45.23 -0.23 8.88
CA GLU B 162 45.96 0.15 7.66
C GLU B 162 45.09 0.00 6.38
N GLY B 163 44.38 -1.12 6.31
CA GLY B 163 43.47 -1.38 5.18
C GLY B 163 42.50 -0.21 5.01
N ARG B 164 41.82 0.13 6.10
CA ARG B 164 40.80 1.17 6.11
C ARG B 164 41.34 2.54 5.76
N ASP B 165 42.54 2.84 6.26
CA ASP B 165 43.28 4.10 5.95
C ASP B 165 43.54 4.18 4.43
N ALA B 166 44.13 3.14 3.87
CA ALA B 166 44.49 3.12 2.43
C ALA B 166 43.24 3.20 1.54
N VAL B 167 42.18 2.52 1.93
CA VAL B 167 40.92 2.61 1.20
C VAL B 167 40.34 4.02 1.20
N ASN B 168 40.31 4.70 2.35
CA ASN B 168 39.90 6.13 2.37
C ASN B 168 40.77 6.96 1.43
N GLN B 169 42.07 6.70 1.41
CA GLN B 169 42.98 7.45 0.49
C GLN B 169 42.67 7.16 -0.96
N TYR B 170 42.36 5.90 -1.27
CA TYR B 170 42.03 5.53 -2.65
C TYR B 170 40.75 6.19 -3.13
N HIS B 171 39.76 6.25 -2.26
CA HIS B 171 38.54 7.01 -2.54
C HIS B 171 38.84 8.49 -2.72
N GLN B 172 39.68 9.04 -1.83
CA GLN B 172 40.16 10.44 -1.94
C GLN B 172 40.69 10.76 -3.34
N VAL B 173 41.65 9.96 -3.79
CA VAL B 173 42.27 10.16 -5.11
C VAL B 173 41.26 10.00 -6.26
N SER B 174 40.33 9.05 -6.11
CA SER B 174 39.33 8.76 -7.16
C SER B 174 38.35 9.92 -7.29
N VAL B 175 37.80 10.36 -6.16
CA VAL B 175 36.89 11.53 -6.14
C VAL B 175 37.56 12.75 -6.73
N ASP B 176 38.78 13.06 -6.29
CA ASP B 176 39.56 14.23 -6.80
C ASP B 176 39.79 14.14 -8.29
N ALA B 177 40.17 12.96 -8.78
CA ALA B 177 40.36 12.75 -10.23
C ALA B 177 39.09 12.99 -11.03
N ILE B 178 37.94 12.62 -10.45
CA ILE B 178 36.67 12.81 -11.13
C ILE B 178 36.33 14.30 -11.16
N ARG B 179 36.40 14.91 -9.98
CA ARG B 179 36.06 16.34 -9.82
C ARG B 179 36.94 17.22 -10.71
N ALA B 180 38.23 16.91 -10.79
CA ALA B 180 39.25 17.67 -11.56
C ALA B 180 38.99 17.73 -13.06
N THR B 181 38.25 16.76 -13.61
CA THR B 181 37.92 16.78 -15.02
C THR B 181 36.86 17.85 -15.33
N GLY B 182 36.22 18.38 -14.30
CA GLY B 182 35.26 19.46 -14.50
C GLY B 182 33.97 19.14 -15.21
N GLY B 183 33.30 20.14 -15.77
CA GLY B 183 32.01 19.94 -16.43
C GLY B 183 30.97 19.40 -15.43
N ASN B 184 30.13 18.50 -15.91
CA ASN B 184 29.15 17.85 -15.07
C ASN B 184 29.80 17.07 -13.93
N ASN B 185 31.04 16.60 -14.14
CA ASN B 185 31.76 15.82 -13.13
C ASN B 185 32.11 16.57 -11.87
N ALA B 186 31.97 17.90 -11.90
CA ALA B 186 32.11 18.72 -10.69
C ALA B 186 30.98 18.45 -9.70
N LYS B 187 29.81 18.17 -10.24
CA LYS B 187 28.59 18.03 -9.43
C LYS B 187 27.94 16.62 -9.44
N ARG B 188 28.41 15.72 -10.31
CA ARG B 188 27.86 14.40 -10.43
C ARG B 188 27.86 13.66 -9.10
N LYS B 189 26.77 12.94 -8.83
CA LYS B 189 26.72 12.13 -7.63
C LYS B 189 27.76 10.96 -7.73
N ILE B 190 28.45 10.73 -6.61
CA ILE B 190 29.49 9.72 -6.50
C ILE B 190 29.20 8.86 -5.29
N MET B 191 29.12 7.56 -5.53
CA MET B 191 28.95 6.58 -4.44
C MET B 191 30.31 6.10 -3.91
N VAL B 192 30.55 6.33 -2.62
CA VAL B 192 31.82 6.03 -1.95
C VAL B 192 31.57 4.96 -0.89
N SER B 193 32.26 3.82 -1.04
CA SER B 193 32.12 2.70 -0.10
C SER B 193 33.01 2.75 1.15
N THR B 194 32.52 2.08 2.18
CA THR B 194 33.33 1.62 3.28
C THR B 194 34.29 0.52 2.81
N TYR B 195 35.23 0.13 3.68
CA TYR B 195 36.13 -0.96 3.38
C TYR B 195 35.28 -2.17 3.06
N ALA B 196 35.56 -2.78 1.90
CA ALA B 196 34.81 -3.95 1.38
C ALA B 196 33.30 -3.75 1.25
N ALA B 197 32.82 -2.50 1.27
CA ALA B 197 31.40 -2.16 1.43
C ALA B 197 30.76 -2.80 2.66
N SER B 198 31.58 -2.98 3.68
CA SER B 198 31.20 -3.63 4.92
C SER B 198 30.34 -2.70 5.78
N THR B 199 29.47 -3.29 6.59
CA THR B 199 28.73 -2.61 7.62
C THR B 199 29.22 -2.95 9.05
N ALA B 200 30.41 -3.56 9.17
CA ALA B 200 30.98 -3.88 10.48
C ALA B 200 31.33 -2.56 11.17
N SER B 201 31.23 -2.55 12.49
CA SER B 201 31.39 -1.30 13.28
C SER B 201 32.71 -0.60 13.02
N ASN B 202 33.80 -1.35 12.91
CA ASN B 202 35.11 -0.77 12.59
C ASN B 202 35.17 -0.09 11.19
N ALA B 203 34.58 -0.71 10.19
CA ALA B 203 34.49 -0.10 8.85
C ALA B 203 33.67 1.22 8.87
N LEU B 204 32.54 1.19 9.55
CA LEU B 204 31.70 2.39 9.78
C LEU B 204 32.43 3.54 10.49
N ASN B 205 33.19 3.23 11.55
CA ASN B 205 33.83 4.24 12.39
C ASN B 205 34.96 4.94 11.66
N ASP B 206 35.71 4.24 10.83
CA ASP B 206 36.81 4.88 10.05
C ASP B 206 36.41 5.36 8.69
N TYR B 207 35.14 5.25 8.31
CA TYR B 207 34.67 5.80 7.03
C TYR B 207 34.87 7.33 6.95
N LEU B 208 35.46 7.79 5.85
CA LEU B 208 35.58 9.20 5.54
C LEU B 208 35.08 9.50 4.14
N VAL B 209 34.28 10.56 4.04
CA VAL B 209 33.84 11.11 2.75
C VAL B 209 34.91 12.05 2.27
N PRO B 210 35.47 11.81 1.07
CA PRO B 210 36.52 12.72 0.55
C PRO B 210 36.08 14.16 0.51
N ASN B 211 36.86 15.03 1.16
CA ASN B 211 36.63 16.50 1.17
C ASN B 211 35.28 16.92 1.77
N GLY B 212 34.65 16.04 2.57
CA GLY B 212 33.23 16.23 2.96
C GLY B 212 32.32 16.56 1.77
N ASP B 213 32.74 16.18 0.55
CA ASP B 213 32.05 16.49 -0.71
C ASP B 213 30.57 16.25 -0.50
N LYS B 214 29.76 17.26 -0.79
CA LYS B 214 28.32 17.20 -0.52
C LYS B 214 27.53 16.40 -1.53
N ASN B 215 28.17 16.07 -2.66
CA ASN B 215 27.58 15.22 -3.67
C ASN B 215 28.07 13.74 -3.64
N VAL B 216 28.62 13.33 -2.51
CA VAL B 216 28.95 11.95 -2.26
C VAL B 216 27.82 11.22 -1.54
N ILE B 217 27.47 10.04 -2.07
CA ILE B 217 26.49 9.16 -1.45
C ILE B 217 27.26 7.99 -0.81
N VAL B 218 26.76 7.48 0.32
CA VAL B 218 27.38 6.31 0.96
C VAL B 218 26.95 5.00 0.25
N SER B 219 27.93 4.11 0.01
CA SER B 219 27.70 2.78 -0.56
C SER B 219 28.08 1.73 0.43
N VAL B 220 27.10 0.92 0.82
CA VAL B 220 27.36 -0.30 1.58
C VAL B 220 26.61 -1.44 0.89
N HIS B 221 27.13 -2.65 1.09
CA HIS B 221 26.48 -3.89 0.66
C HIS B 221 26.20 -4.70 1.92
N SER B 222 25.01 -5.24 2.06
CA SER B 222 24.72 -6.05 3.24
C SER B 222 23.82 -7.19 2.83
N TYR B 223 24.44 -8.36 2.63
CA TYR B 223 23.71 -9.58 2.32
C TYR B 223 23.20 -10.20 3.61
N PHE B 224 22.25 -9.52 4.25
CA PHE B 224 21.86 -9.85 5.59
C PHE B 224 20.60 -10.74 5.61
N PRO B 225 20.64 -11.89 6.30
CA PRO B 225 21.80 -12.42 7.03
C PRO B 225 22.63 -13.34 6.14
N TYR B 226 23.95 -13.29 6.24
CA TYR B 226 24.82 -13.99 5.30
C TYR B 226 24.61 -15.50 5.20
N GLN B 227 24.16 -16.13 6.29
CA GLN B 227 23.94 -17.55 6.33
C GLN B 227 22.86 -17.96 5.33
N PHE B 228 21.84 -17.12 5.20
CA PHE B 228 20.73 -17.30 4.32
C PHE B 228 21.09 -16.81 2.89
N CYS B 229 21.81 -15.71 2.81
CA CYS B 229 21.94 -14.95 1.58
C CYS B 229 23.11 -15.42 0.72
N LEU B 230 24.22 -15.75 1.37
CA LEU B 230 25.44 -16.07 0.69
C LEU B 230 25.89 -17.52 0.84
N ASP B 231 25.94 -18.03 2.07
CA ASP B 231 26.55 -19.33 2.36
C ASP B 231 25.67 -20.52 2.06
N GLY B 232 24.36 -20.33 2.04
CA GLY B 232 23.41 -21.43 1.96
C GLY B 232 23.38 -22.37 3.15
N THR B 233 24.00 -22.00 4.28
CA THR B 233 23.93 -22.77 5.50
C THR B 233 22.60 -22.62 6.20
N ASP B 234 21.80 -21.63 5.81
CA ASP B 234 20.45 -21.53 6.32
C ASP B 234 19.52 -21.21 5.21
N SER B 235 18.40 -21.91 5.13
CA SER B 235 17.46 -21.70 4.02
C SER B 235 16.10 -21.18 4.43
N THR B 236 15.96 -20.85 5.73
CA THR B 236 14.68 -20.42 6.26
C THR B 236 14.79 -18.96 6.64
N TRP B 237 13.76 -18.20 6.36
CA TRP B 237 13.68 -16.80 6.71
C TRP B 237 12.24 -16.38 6.89
N GLY B 238 12.01 -15.70 8.01
CA GLY B 238 10.69 -15.20 8.35
C GLY B 238 10.28 -15.19 9.81
N THR B 239 11.08 -15.72 10.72
CA THR B 239 10.67 -15.72 12.14
C THR B 239 10.78 -14.31 12.67
N GLU B 240 10.19 -14.04 13.84
CA GLU B 240 10.35 -12.72 14.52
C GLU B 240 11.79 -12.36 14.70
N ALA B 241 12.57 -13.32 15.17
CA ALA B 241 14.00 -13.09 15.31
C ALA B 241 14.71 -12.72 14.00
N ASP B 242 14.28 -13.31 12.88
CA ASP B 242 14.87 -13.01 11.55
C ASP B 242 14.61 -11.54 11.24
N LYS B 243 13.34 -11.14 11.42
CA LYS B 243 12.89 -9.76 11.13
C LYS B 243 13.56 -8.73 12.05
N THR B 244 13.57 -9.02 13.35
CA THR B 244 14.15 -8.11 14.33
C THR B 244 15.62 -7.84 14.04
N ALA B 245 16.38 -8.89 13.73
CA ALA B 245 17.82 -8.75 13.48
C ALA B 245 18.13 -7.98 12.20
N LEU B 246 17.33 -8.20 11.17
CA LEU B 246 17.48 -7.46 9.91
C LEU B 246 17.21 -5.97 10.14
N LEU B 247 16.09 -5.68 10.80
CA LEU B 247 15.78 -4.29 11.16
C LEU B 247 16.90 -3.64 11.95
N ALA B 248 17.53 -4.40 12.86
CA ALA B 248 18.63 -3.88 13.63
C ALA B 248 19.85 -3.64 12.77
N GLU B 249 20.08 -4.47 11.76
CA GLU B 249 21.20 -4.20 10.82
C GLU B 249 20.96 -2.90 10.03
N LEU B 250 19.75 -2.76 9.48
CA LEU B 250 19.41 -1.52 8.74
C LEU B 250 19.34 -0.26 9.65
N ASP B 251 18.89 -0.41 10.90
CA ASP B 251 18.89 0.70 11.87
C ASP B 251 20.31 1.16 12.20
N LYS B 252 21.23 0.22 12.36
CA LYS B 252 22.62 0.59 12.56
C LYS B 252 23.16 1.43 11.38
N ILE B 253 22.75 1.09 10.16
CA ILE B 253 23.18 1.83 8.98
C ILE B 253 22.53 3.24 8.97
N ARG B 254 21.24 3.31 9.20
CA ARG B 254 20.53 4.59 9.29
C ARG B 254 21.07 5.52 10.40
N ASP B 255 21.20 4.98 11.60
CA ASP B 255 21.62 5.77 12.76
C ASP B 255 22.98 6.40 12.53
N LYS B 256 23.90 5.63 11.95
CA LYS B 256 25.23 6.14 11.67
C LYS B 256 25.26 7.11 10.50
N PHE B 257 24.80 6.68 9.33
CA PHE B 257 25.02 7.51 8.13
C PHE B 257 23.97 8.59 7.95
N ILE B 258 22.72 8.25 8.21
CA ILE B 258 21.60 9.12 7.86
C ILE B 258 21.34 10.12 8.97
N VAL B 259 21.20 9.64 10.20
CA VAL B 259 20.84 10.47 11.33
C VAL B 259 22.06 11.23 11.81
N GLU B 260 23.07 10.51 12.30
CA GLU B 260 24.26 11.15 12.85
C GLU B 260 25.07 11.92 11.78
N ASP B 261 25.26 11.40 10.56
CA ASP B 261 26.17 12.02 9.56
C ASP B 261 25.46 12.83 8.48
N ASN B 262 24.11 12.83 8.48
CA ASN B 262 23.33 13.50 7.42
C ASN B 262 23.76 13.14 5.96
N ARG B 263 23.95 11.85 5.74
CA ARG B 263 24.28 11.32 4.43
C ARG B 263 23.13 10.47 3.86
N ALA B 264 23.10 10.32 2.55
CA ALA B 264 22.24 9.34 1.87
C ALA B 264 23.01 8.02 1.63
N VAL B 265 22.25 6.93 1.55
CA VAL B 265 22.80 5.57 1.46
C VAL B 265 22.16 4.77 0.33
N VAL B 266 22.99 4.27 -0.58
CA VAL B 266 22.57 3.29 -1.57
C VAL B 266 23.10 1.92 -1.13
N MET B 267 22.20 0.98 -0.91
CA MET B 267 22.56 -0.44 -0.70
C MET B 267 22.79 -1.05 -2.09
N GLY B 268 23.99 -0.87 -2.61
CA GLY B 268 24.28 -1.17 -4.02
C GLY B 268 24.33 -2.67 -4.37
N SER B 269 24.30 -3.53 -3.34
CA SER B 269 24.19 -4.96 -3.51
C SER B 269 23.67 -5.59 -2.27
N TRP B 270 22.75 -6.52 -2.48
CA TRP B 270 22.13 -7.35 -1.47
C TRP B 270 21.34 -8.37 -2.25
N GLY B 271 20.80 -9.36 -1.55
CA GLY B 271 19.91 -10.37 -2.14
C GLY B 271 20.20 -11.70 -1.48
N SER B 272 19.56 -12.76 -1.97
CA SER B 272 19.77 -14.10 -1.47
C SER B 272 19.96 -15.08 -2.64
N THR B 273 20.90 -15.98 -2.47
CA THR B 273 21.14 -17.08 -3.39
C THR B 273 19.99 -18.09 -3.23
N PHE B 274 19.69 -18.80 -4.31
CA PHE B 274 18.61 -19.78 -4.29
C PHE B 274 19.00 -21.02 -3.50
N SER B 275 18.21 -21.39 -2.50
CA SER B 275 18.46 -22.63 -1.72
C SER B 275 17.19 -23.47 -1.58
N ASP B 276 16.51 -23.72 -2.69
CA ASP B 276 15.28 -24.53 -2.73
C ASP B 276 14.18 -23.97 -1.83
N ASN B 277 14.09 -22.65 -1.80
CA ASN B 277 13.37 -21.95 -0.74
C ASN B 277 12.67 -20.73 -1.25
N PRO B 278 11.84 -20.89 -2.29
CA PRO B 278 11.25 -19.73 -2.95
C PRO B 278 10.36 -18.87 -2.05
N GLU B 279 9.54 -19.50 -1.20
CA GLU B 279 8.67 -18.77 -0.26
C GLU B 279 9.46 -17.87 0.69
N ASP B 280 10.57 -18.39 1.20
CA ASP B 280 11.41 -17.64 2.12
CA ASP B 280 11.40 -17.65 2.13
C ASP B 280 12.19 -16.51 1.45
N ARG B 281 12.69 -16.77 0.25
CA ARG B 281 13.36 -15.76 -0.54
C ARG B 281 12.42 -14.61 -0.84
N LEU B 282 11.20 -14.91 -1.23
CA LEU B 282 10.24 -13.87 -1.47
C LEU B 282 9.98 -13.01 -0.22
N ALA B 283 9.74 -13.66 0.92
CA ALA B 283 9.42 -12.96 2.15
C ALA B 283 10.59 -12.07 2.58
N HIS B 284 11.81 -12.60 2.44
CA HIS B 284 13.01 -11.84 2.75
C HIS B 284 13.16 -10.62 1.85
N ALA B 285 12.96 -10.81 0.56
CA ALA B 285 13.09 -9.73 -0.40
C ALA B 285 12.04 -8.62 -0.15
N GLU B 286 10.78 -8.98 0.05
CA GLU B 286 9.72 -8.04 0.36
C GLU B 286 10.06 -7.24 1.62
N PHE B 287 10.46 -7.95 2.66
CA PHE B 287 10.75 -7.31 3.94
C PHE B 287 12.00 -6.39 3.86
N TYR B 288 13.04 -6.83 3.18
CA TYR B 288 14.31 -6.09 3.12
C TYR B 288 14.08 -4.81 2.35
N ALA B 289 13.41 -4.91 1.19
CA ALA B 289 13.15 -3.74 0.34
C ALA B 289 12.21 -2.72 1.04
N ARG B 290 11.19 -3.21 1.72
CA ARG B 290 10.31 -2.34 2.47
C ARG B 290 11.07 -1.59 3.60
N ALA B 291 11.85 -2.33 4.37
CA ALA B 291 12.68 -1.74 5.42
C ALA B 291 13.69 -0.70 4.92
N CYS B 292 14.26 -0.91 3.72
CA CYS B 292 15.11 0.07 3.06
C CYS B 292 14.30 1.31 2.68
N ALA B 293 13.14 1.10 2.05
CA ALA B 293 12.24 2.23 1.68
C ALA B 293 11.86 3.08 2.91
N GLU B 294 11.50 2.42 4.02
CA GLU B 294 11.18 3.10 5.28
C GLU B 294 12.28 4.02 5.80
N ARG B 295 13.52 3.61 5.55
CA ARG B 295 14.70 4.35 5.97
C ARG B 295 15.28 5.26 4.88
N GLY B 296 14.66 5.35 3.72
CA GLY B 296 15.18 6.20 2.64
C GLY B 296 16.43 5.65 1.95
N ILE B 297 16.66 4.36 2.10
CA ILE B 297 17.77 3.70 1.46
C ILE B 297 17.35 3.11 0.10
N CYS B 298 18.16 3.32 -0.94
CA CYS B 298 17.93 2.71 -2.25
C CYS B 298 18.46 1.29 -2.28
N PRO B 299 17.58 0.28 -2.45
CA PRO B 299 18.04 -1.12 -2.50
C PRO B 299 18.30 -1.58 -3.94
N ILE B 300 19.47 -2.14 -4.21
CA ILE B 300 19.82 -2.66 -5.56
C ILE B 300 20.14 -4.18 -5.50
N TRP B 301 19.23 -5.00 -6.03
CA TRP B 301 19.35 -6.47 -6.01
C TRP B 301 20.54 -6.96 -6.83
N TRP B 302 21.30 -7.89 -6.27
CA TRP B 302 22.42 -8.50 -6.99
C TRP B 302 21.88 -9.68 -7.85
N ASP B 303 22.11 -9.62 -9.15
CA ASP B 303 21.66 -10.61 -10.13
C ASP B 303 22.86 -11.03 -10.94
N ASN B 304 23.23 -12.31 -10.83
CA ASN B 304 24.42 -12.77 -11.56
C ASN B 304 24.04 -13.57 -12.80
N GLY B 305 22.78 -13.51 -13.15
CA GLY B 305 22.26 -14.18 -14.35
C GLY B 305 22.05 -15.67 -14.26
N ASN B 306 22.36 -16.27 -13.11
CA ASN B 306 22.24 -17.70 -12.92
C ASN B 306 21.06 -17.98 -12.02
N VAL B 307 20.04 -18.62 -12.56
CA VAL B 307 18.80 -18.89 -11.85
C VAL B 307 18.99 -19.74 -10.57
N ASP B 308 20.02 -20.57 -10.53
CA ASP B 308 20.32 -21.39 -9.38
C ASP B 308 21.01 -20.59 -8.27
N GLU B 309 21.38 -19.33 -8.55
CA GLU B 309 22.11 -18.49 -7.60
C GLU B 309 21.34 -17.20 -7.38
N PHE B 310 21.73 -16.09 -8.01
CA PHE B 310 21.09 -14.78 -7.80
C PHE B 310 20.20 -14.32 -8.96
N GLY B 311 20.12 -15.09 -10.02
CA GLY B 311 19.37 -14.71 -11.19
C GLY B 311 17.88 -14.75 -11.01
N ILE B 312 17.24 -13.59 -11.12
CA ILE B 312 15.78 -13.55 -11.15
C ILE B 312 15.23 -13.16 -12.53
N PHE B 313 16.11 -12.82 -13.47
CA PHE B 313 15.75 -12.46 -14.83
C PHE B 313 16.55 -13.36 -15.76
N ASN B 314 15.86 -13.94 -16.77
CA ASN B 314 16.49 -14.78 -17.80
C ASN B 314 16.93 -13.89 -18.98
N ARG B 315 18.23 -13.77 -19.15
CA ARG B 315 18.76 -12.82 -20.09
C ARG B 315 18.63 -13.35 -21.53
N ASN B 316 18.56 -14.66 -21.68
CA ASN B 316 18.44 -15.30 -23.00
C ASN B 316 17.03 -15.20 -23.58
N THR B 317 16.02 -15.50 -22.76
CA THR B 317 14.61 -15.44 -23.16
C THR B 317 13.93 -14.11 -22.90
N LEU B 318 14.52 -13.27 -22.06
CA LEU B 318 13.87 -12.04 -21.61
C LEU B 318 12.57 -12.25 -20.78
N GLU B 319 12.44 -13.42 -20.17
CA GLU B 319 11.37 -13.72 -19.19
C GLU B 319 11.97 -13.60 -17.79
N TRP B 320 11.14 -13.28 -16.81
CA TRP B 320 11.55 -13.29 -15.41
C TRP B 320 11.47 -14.70 -14.85
N ASN B 321 12.57 -15.18 -14.28
CA ASN B 321 12.56 -16.46 -13.57
C ASN B 321 11.74 -16.37 -12.26
N TYR B 322 11.85 -15.25 -11.55
CA TYR B 322 11.19 -15.06 -10.24
C TYR B 322 10.59 -13.67 -10.20
N PRO B 323 9.54 -13.46 -11.00
CA PRO B 323 8.96 -12.12 -11.06
C PRO B 323 8.40 -11.64 -9.73
N GLU B 324 7.92 -12.55 -8.88
CA GLU B 324 7.47 -12.16 -7.54
C GLU B 324 8.55 -11.41 -6.78
N ILE B 325 9.78 -11.91 -6.84
CA ILE B 325 10.88 -11.25 -6.12
C ILE B 325 11.04 -9.82 -6.68
N ALA B 326 11.07 -9.73 -8.02
CA ALA B 326 11.21 -8.44 -8.68
C ALA B 326 10.12 -7.48 -8.26
N GLU B 327 8.88 -7.94 -8.32
CA GLU B 327 7.74 -7.12 -7.96
C GLU B 327 7.81 -6.67 -6.49
N ALA B 328 8.32 -7.54 -5.62
CA ALA B 328 8.50 -7.19 -4.22
C ALA B 328 9.56 -6.13 -3.99
N ILE B 329 10.65 -6.22 -4.73
CA ILE B 329 11.73 -5.25 -4.61
C ILE B 329 11.35 -3.85 -5.06
N VAL B 330 10.61 -3.76 -6.16
CA VAL B 330 10.24 -2.46 -6.70
C VAL B 330 9.00 -1.80 -6.10
N LYS B 331 8.31 -2.49 -5.21
CA LYS B 331 7.13 -1.89 -4.57
C LYS B 331 7.46 -0.59 -3.89
N SER C 1 -34.40 3.40 -31.10
CA SER C 1 -33.31 4.05 -30.44
C SER C 1 -33.70 5.28 -29.62
N ASN C 2 -34.72 5.06 -28.82
CA ASN C 2 -35.35 6.01 -27.95
C ASN C 2 -35.01 5.84 -26.44
N MET C 3 -34.82 6.93 -25.71
CA MET C 3 -34.54 6.82 -24.30
C MET C 3 -35.70 7.27 -23.43
N ARG C 4 -36.36 6.33 -22.79
CA ARG C 4 -37.51 6.59 -21.94
C ARG C 4 -37.18 7.23 -20.63
N GLU C 5 -38.18 7.77 -19.98
CA GLU C 5 -37.96 8.31 -18.66
C GLU C 5 -38.40 7.11 -17.87
N ILE C 6 -37.44 6.43 -17.28
CA ILE C 6 -37.74 5.17 -16.60
C ILE C 6 -36.70 4.92 -15.51
N ALA C 7 -37.18 4.84 -14.26
CA ALA C 7 -36.28 4.63 -13.13
C ALA C 7 -35.72 3.20 -13.17
N PRO C 8 -34.51 2.99 -12.58
CA PRO C 8 -33.90 1.64 -12.56
C PRO C 8 -34.80 0.51 -12.06
N LYS C 9 -35.56 0.76 -10.99
CA LYS C 9 -36.47 -0.23 -10.45
C LYS C 9 -37.48 -0.77 -11.49
N GLU C 10 -38.13 0.15 -12.21
CA GLU C 10 -39.10 -0.21 -13.25
C GLU C 10 -38.40 -0.83 -14.46
N PHE C 11 -37.24 -0.29 -14.82
CA PHE C 11 -36.44 -0.82 -15.93
C PHE C 11 -36.08 -2.32 -15.69
N VAL C 12 -35.60 -2.63 -14.48
CA VAL C 12 -35.24 -4.02 -14.11
C VAL C 12 -36.46 -4.96 -14.14
N LEU C 13 -37.65 -4.52 -13.71
CA LEU C 13 -38.83 -5.36 -13.86
C LEU C 13 -39.11 -5.62 -15.31
N ASP C 14 -39.00 -4.58 -16.15
CA ASP C 14 -39.23 -4.75 -17.58
C ASP C 14 -38.22 -5.69 -18.26
N MET C 15 -37.01 -5.80 -17.69
CA MET C 15 -36.00 -6.75 -18.19
C MET C 15 -36.42 -8.25 -18.07
N GLY C 16 -37.42 -8.57 -17.24
CA GLY C 16 -37.93 -9.91 -17.16
C GLY C 16 -36.85 -10.87 -16.66
N ALA C 17 -36.75 -12.03 -17.32
CA ALA C 17 -35.69 -13.00 -17.09
C ALA C 17 -34.73 -12.97 -18.25
N GLY C 18 -33.47 -13.31 -17.95
CA GLY C 18 -32.39 -13.29 -18.94
C GLY C 18 -31.66 -14.61 -19.13
N TRP C 19 -30.93 -14.69 -20.23
CA TRP C 19 -30.04 -15.82 -20.53
C TRP C 19 -28.71 -15.28 -21.01
N ASN C 20 -27.64 -15.89 -20.55
CA ASN C 20 -26.27 -15.60 -20.98
C ASN C 20 -25.86 -16.43 -22.18
N LEU C 21 -25.30 -15.75 -23.18
CA LEU C 21 -24.58 -16.35 -24.28
C LEU C 21 -23.13 -16.58 -23.82
N GLY C 22 -22.95 -17.53 -22.92
CA GLY C 22 -21.64 -17.76 -22.30
C GLY C 22 -20.74 -18.60 -23.15
N ASN C 23 -19.46 -18.49 -22.88
CA ASN C 23 -18.43 -19.14 -23.68
C ASN C 23 -18.56 -18.90 -25.18
N ALA C 24 -18.84 -17.66 -25.55
CA ALA C 24 -18.90 -17.26 -26.96
C ALA C 24 -17.93 -16.10 -27.12
N MET C 25 -18.40 -14.86 -27.15
CA MET C 25 -17.53 -13.69 -27.29
C MET C 25 -16.65 -13.44 -26.03
N ASP C 26 -16.99 -14.10 -24.94
CA ASP C 26 -16.20 -14.09 -23.70
C ASP C 26 -15.05 -15.09 -23.67
N THR C 27 -15.00 -15.96 -24.65
CA THR C 27 -13.98 -16.97 -24.75
C THR C 27 -12.55 -16.41 -24.69
N TYR C 28 -11.72 -16.98 -23.83
CA TYR C 28 -10.37 -16.50 -23.62
C TYR C 28 -9.40 -17.10 -24.66
N ASN C 29 -9.52 -16.60 -25.87
CA ASN C 29 -8.81 -17.11 -27.05
C ASN C 29 -9.11 -16.13 -28.17
N SER C 30 -8.22 -16.02 -29.14
CA SER C 30 -8.42 -15.12 -30.27
C SER C 30 -9.66 -15.54 -31.12
N ASP C 31 -9.88 -16.84 -31.13
CA ASP C 31 -11.00 -17.49 -31.80
C ASP C 31 -12.13 -17.75 -30.77
N GLU C 32 -13.26 -17.07 -30.95
CA GLU C 32 -14.42 -17.21 -30.08
C GLU C 32 -15.15 -18.57 -30.13
N THR C 33 -14.77 -19.44 -31.06
CA THR C 33 -15.24 -20.85 -31.07
C THR C 33 -14.36 -21.83 -30.28
N ALA C 34 -13.24 -21.34 -29.73
CA ALA C 34 -12.28 -22.23 -29.07
C ALA C 34 -12.77 -22.91 -27.80
N TRP C 35 -13.84 -22.39 -27.21
CA TRP C 35 -14.41 -22.99 -26.00
C TRP C 35 -15.67 -23.81 -26.26
N GLY C 36 -15.82 -24.26 -27.50
CA GLY C 36 -16.78 -25.29 -27.85
C GLY C 36 -18.12 -24.77 -28.30
N ASN C 37 -18.22 -23.45 -28.51
CA ASN C 37 -19.44 -22.90 -29.09
C ASN C 37 -19.30 -22.32 -30.50
N PRO C 38 -20.31 -22.54 -31.34
CA PRO C 38 -20.25 -22.01 -32.69
C PRO C 38 -20.49 -20.50 -32.76
N LEU C 39 -20.17 -19.95 -33.93
CA LEU C 39 -20.43 -18.58 -34.23
C LEU C 39 -21.90 -18.30 -34.08
N THR C 40 -22.23 -17.29 -33.27
CA THR C 40 -23.60 -17.07 -32.88
C THR C 40 -24.45 -16.55 -34.08
N THR C 41 -25.68 -17.06 -34.24
CA THR C 41 -26.58 -16.68 -35.33
C THR C 41 -27.85 -16.11 -34.80
N LYS C 42 -28.59 -15.43 -35.68
CA LYS C 42 -29.89 -14.88 -35.30
C LYS C 42 -30.87 -15.98 -34.93
N ALA C 43 -30.79 -17.11 -35.62
CA ALA C 43 -31.68 -18.24 -35.37
C ALA C 43 -31.54 -18.79 -33.93
N MET C 44 -30.31 -18.78 -33.40
CA MET C 44 -30.08 -19.13 -31.97
C MET C 44 -30.82 -18.15 -31.10
N ILE C 45 -30.60 -16.86 -31.33
CA ILE C 45 -31.20 -15.85 -30.47
C ILE C 45 -32.70 -15.84 -30.57
N ASP C 46 -33.23 -16.15 -31.76
CA ASP C 46 -34.68 -16.21 -31.96
C ASP C 46 -35.27 -17.24 -30.98
N GLU C 47 -34.64 -18.41 -30.85
CA GLU C 47 -35.10 -19.43 -29.92
C GLU C 47 -35.06 -18.97 -28.45
N ILE C 48 -34.03 -18.20 -28.07
CA ILE C 48 -33.94 -17.66 -26.72
C ILE C 48 -35.15 -16.76 -26.46
N ALA C 49 -35.44 -15.88 -27.40
CA ALA C 49 -36.58 -14.99 -27.29
C ALA C 49 -37.91 -15.70 -27.27
N LYS C 50 -38.06 -16.70 -28.11
CA LYS C 50 -39.28 -17.48 -28.23
C LYS C 50 -39.61 -18.22 -26.95
N MET C 51 -38.58 -18.71 -26.28
CA MET C 51 -38.75 -19.43 -25.03
C MET C 51 -39.33 -18.51 -23.96
N GLY C 52 -39.16 -17.22 -24.12
CA GLY C 52 -39.70 -16.25 -23.17
C GLY C 52 -38.66 -15.40 -22.43
N PHE C 53 -37.37 -15.58 -22.70
CA PHE C 53 -36.35 -14.71 -22.15
C PHE C 53 -36.47 -13.33 -22.75
N LYS C 54 -36.49 -12.30 -21.92
CA LYS C 54 -36.60 -10.91 -22.34
C LYS C 54 -35.23 -10.15 -22.40
N THR C 55 -34.21 -10.71 -21.76
CA THR C 55 -32.89 -10.13 -21.73
C THR C 55 -31.85 -11.11 -22.21
N LEU C 56 -30.98 -10.64 -23.10
CA LEU C 56 -29.77 -11.37 -23.48
C LEU C 56 -28.56 -10.65 -22.84
N ARG C 57 -27.78 -11.40 -22.06
CA ARG C 57 -26.47 -10.93 -21.63
C ARG C 57 -25.47 -11.48 -22.63
N LEU C 58 -24.66 -10.56 -23.15
CA LEU C 58 -23.69 -10.77 -24.20
C LEU C 58 -22.34 -10.47 -23.62
N PRO C 59 -21.76 -11.42 -22.85
CA PRO C 59 -20.45 -11.15 -22.28
C PRO C 59 -19.36 -11.12 -23.37
N VAL C 60 -18.42 -10.19 -23.25
CA VAL C 60 -17.35 -10.04 -24.26
C VAL C 60 -16.00 -9.90 -23.56
N THR C 61 -15.06 -10.72 -23.98
CA THR C 61 -13.68 -10.61 -23.58
C THR C 61 -12.97 -9.86 -24.70
N TRP C 62 -12.30 -8.76 -24.35
CA TRP C 62 -11.74 -7.84 -25.33
C TRP C 62 -10.23 -7.99 -25.55
N LYS C 63 -9.55 -8.65 -24.61
CA LYS C 63 -8.09 -8.72 -24.59
C LYS C 63 -7.49 -9.02 -25.95
N PHE C 64 -7.98 -10.04 -26.66
CA PHE C 64 -7.31 -10.47 -27.90
C PHE C 64 -7.53 -9.56 -29.09
N HIS C 65 -8.32 -8.51 -28.90
CA HIS C 65 -8.63 -7.59 -29.98
C HIS C 65 -8.42 -6.13 -29.63
N ILE C 66 -7.62 -5.88 -28.59
CA ILE C 66 -7.15 -4.55 -28.22
C ILE C 66 -5.70 -4.39 -28.68
N GLY C 67 -5.42 -3.39 -29.50
CA GLY C 67 -4.06 -3.08 -29.91
C GLY C 67 -3.21 -2.50 -28.78
N GLU C 68 -1.94 -2.25 -29.12
CA GLU C 68 -0.96 -1.76 -28.14
C GLU C 68 -1.29 -0.36 -27.65
N GLY C 69 -0.89 -0.04 -26.43
CA GLY C 69 -0.83 1.39 -26.00
C GLY C 69 0.08 2.26 -26.93
N PRO C 70 -0.04 3.60 -26.89
CA PRO C 70 -0.94 4.33 -25.99
C PRO C 70 -2.45 4.35 -26.42
N ASP C 71 -2.77 4.04 -27.69
CA ASP C 71 -4.16 4.13 -28.21
C ASP C 71 -5.12 3.01 -27.72
N TYR C 72 -4.58 1.80 -27.59
CA TYR C 72 -5.35 0.60 -27.20
C TYR C 72 -6.57 0.38 -28.09
N LEU C 73 -6.34 0.45 -29.41
CA LEU C 73 -7.41 0.47 -30.41
C LEU C 73 -8.12 -0.87 -30.44
N ILE C 74 -9.45 -0.86 -30.40
CA ILE C 74 -10.22 -2.13 -30.49
C ILE C 74 -10.44 -2.42 -31.96
N GLU C 75 -10.11 -3.63 -32.40
CA GLU C 75 -10.34 -4.02 -33.79
C GLU C 75 -11.76 -3.75 -34.17
N ALA C 76 -11.94 -3.05 -35.28
CA ALA C 76 -13.26 -2.68 -35.76
C ALA C 76 -14.09 -3.93 -36.08
N ASN C 77 -13.45 -4.96 -36.61
CA ASN C 77 -14.13 -6.20 -36.99
C ASN C 77 -14.74 -6.89 -35.74
N TRP C 78 -14.01 -6.81 -34.63
CA TRP C 78 -14.46 -7.40 -33.39
C TRP C 78 -15.69 -6.66 -32.87
N LEU C 79 -15.66 -5.35 -32.88
CA LEU C 79 -16.83 -4.54 -32.59
C LEU C 79 -18.01 -4.85 -33.52
N ASP C 80 -17.74 -5.11 -34.78
CA ASP C 80 -18.78 -5.51 -35.73
C ASP C 80 -19.45 -6.83 -35.31
N LYS C 81 -18.66 -7.79 -34.83
CA LYS C 81 -19.22 -9.07 -34.36
C LYS C 81 -20.14 -8.87 -33.14
N VAL C 82 -19.69 -8.05 -32.19
CA VAL C 82 -20.46 -7.75 -31.00
C VAL C 82 -21.76 -7.06 -31.41
N GLU C 83 -21.62 -6.10 -32.32
CA GLU C 83 -22.77 -5.31 -32.75
C GLU C 83 -23.82 -6.16 -33.45
N ALA C 84 -23.38 -7.09 -34.30
CA ALA C 84 -24.33 -7.92 -34.99
C ALA C 84 -25.14 -8.78 -34.00
N ILE C 85 -24.46 -9.36 -33.00
CA ILE C 85 -25.13 -10.21 -32.03
C ILE C 85 -26.12 -9.37 -31.24
N ALA C 86 -25.69 -8.18 -30.82
CA ALA C 86 -26.59 -7.29 -30.11
C ALA C 86 -27.88 -7.05 -30.88
N ASN C 87 -27.75 -6.81 -32.19
CA ASN C 87 -28.91 -6.58 -33.05
C ASN C 87 -29.79 -7.80 -33.21
N PHE C 88 -29.21 -8.99 -33.24
CA PHE C 88 -30.04 -10.20 -33.17
C PHE C 88 -31.05 -10.12 -32.01
N ALA C 89 -30.61 -9.60 -30.87
CA ALA C 89 -31.45 -9.55 -29.68
C ALA C 89 -32.39 -8.37 -29.71
N LEU C 90 -31.89 -7.21 -30.13
CA LEU C 90 -32.73 -6.00 -30.18
C LEU C 90 -33.92 -6.20 -31.14
N GLU C 91 -33.68 -6.86 -32.27
CA GLU C 91 -34.72 -7.20 -33.25
C GLU C 91 -35.78 -8.10 -32.68
N ASN C 92 -35.41 -8.93 -31.71
CA ASN C 92 -36.36 -9.77 -31.01
C ASN C 92 -37.08 -9.08 -29.84
N GLU C 93 -36.96 -7.76 -29.75
CA GLU C 93 -37.56 -6.94 -28.69
C GLU C 93 -36.90 -7.22 -27.33
N MET C 94 -35.67 -7.73 -27.32
CA MET C 94 -34.98 -8.05 -26.06
C MET C 94 -34.10 -6.91 -25.59
N TYR C 95 -33.88 -6.84 -24.29
CA TYR C 95 -32.73 -6.09 -23.78
C TYR C 95 -31.45 -6.82 -24.11
N VAL C 96 -30.35 -6.08 -24.21
CA VAL C 96 -29.02 -6.68 -24.39
C VAL C 96 -28.04 -5.98 -23.49
N ILE C 97 -27.24 -6.78 -22.78
CA ILE C 97 -26.21 -6.28 -21.90
C ILE C 97 -24.87 -6.63 -22.56
N ILE C 98 -24.03 -5.62 -22.75
CA ILE C 98 -22.67 -5.78 -23.23
C ILE C 98 -21.71 -5.44 -22.12
N ASN C 99 -20.71 -6.29 -21.92
CA ASN C 99 -19.74 -6.08 -20.84
C ASN C 99 -18.27 -6.16 -21.24
N ILE C 100 -17.40 -5.99 -20.23
CA ILE C 100 -16.03 -6.41 -20.24
C ILE C 100 -15.94 -7.64 -19.32
N HIS C 101 -15.49 -8.79 -19.90
CA HIS C 101 -15.59 -10.10 -19.24
C HIS C 101 -14.22 -10.61 -18.76
N HIS C 102 -13.58 -11.56 -19.46
CA HIS C 102 -12.37 -12.20 -18.91
C HIS C 102 -11.09 -11.42 -19.24
N ASP C 103 -11.07 -10.17 -18.78
CA ASP C 103 -10.04 -9.20 -19.08
C ASP C 103 -9.23 -8.78 -17.81
N GLU C 104 -9.25 -9.65 -16.80
CA GLU C 104 -8.57 -9.39 -15.53
C GLU C 104 -7.04 -9.31 -15.65
N THR C 105 -6.47 -9.85 -16.71
CA THR C 105 -5.02 -9.78 -16.88
C THR C 105 -4.49 -8.34 -17.05
N TRP C 106 -5.29 -7.45 -17.62
CA TRP C 106 -4.86 -6.04 -17.71
C TRP C 106 -5.73 -5.14 -16.82
N ILE C 107 -6.60 -5.73 -15.99
CA ILE C 107 -7.43 -4.96 -15.06
C ILE C 107 -7.08 -5.46 -13.65
N LEU C 108 -5.82 -5.25 -13.27
CA LEU C 108 -5.29 -5.68 -11.98
C LEU C 108 -5.65 -4.65 -10.88
N PRO C 109 -6.44 -5.02 -9.88
CA PRO C 109 -6.85 -4.07 -8.85
C PRO C 109 -5.86 -3.91 -7.69
N THR C 110 -4.74 -3.25 -7.99
CA THR C 110 -3.73 -2.84 -6.99
C THR C 110 -3.46 -1.35 -7.18
N TYR C 111 -2.99 -0.69 -6.11
CA TYR C 111 -2.64 0.75 -6.16
C TYR C 111 -1.53 1.00 -7.17
N GLU C 112 -0.59 0.05 -7.19
CA GLU C 112 0.57 0.03 -8.11
C GLU C 112 0.17 0.09 -9.58
N LYS C 113 -0.85 -0.69 -9.93
CA LYS C 113 -1.30 -0.76 -11.33
C LYS C 113 -2.41 0.27 -11.68
N ALA C 114 -3.02 0.88 -10.67
CA ALA C 114 -4.23 1.69 -10.88
C ALA C 114 -4.16 2.73 -12.00
N ASP C 115 -3.04 3.43 -12.14
CA ASP C 115 -2.94 4.50 -13.14
C ASP C 115 -2.88 3.94 -14.57
N GLU C 116 -2.10 2.87 -14.75
CA GLU C 116 -1.99 2.18 -16.04
C GLU C 116 -3.35 1.57 -16.48
N VAL C 117 -4.01 0.90 -15.53
CA VAL C 117 -5.32 0.27 -15.75
C VAL C 117 -6.41 1.31 -16.05
N LYS C 118 -6.53 2.32 -15.20
CA LYS C 118 -7.51 3.41 -15.42
C LYS C 118 -7.38 4.05 -16.80
N ASP C 119 -6.16 4.27 -17.23
CA ASP C 119 -5.92 4.84 -18.55
C ASP C 119 -6.46 3.92 -19.68
N GLU C 120 -6.09 2.64 -19.64
CA GLU C 120 -6.51 1.69 -20.68
C GLU C 120 -8.04 1.52 -20.67
N LEU C 121 -8.62 1.29 -19.49
CA LEU C 121 -10.07 1.14 -19.33
C LEU C 121 -10.83 2.32 -19.89
N SER C 122 -10.36 3.51 -19.52
CA SER C 122 -10.96 4.74 -20.02
C SER C 122 -10.99 4.76 -21.55
N LYS C 123 -9.90 4.40 -22.17
CA LYS C 123 -9.86 4.41 -23.62
C LYS C 123 -10.70 3.29 -24.24
N VAL C 124 -10.69 2.10 -23.61
CA VAL C 124 -11.49 0.97 -24.11
C VAL C 124 -13.00 1.25 -23.97
N TRP C 125 -13.45 1.69 -22.81
CA TRP C 125 -14.89 1.95 -22.63
C TRP C 125 -15.33 3.13 -23.51
N THR C 126 -14.46 4.11 -23.69
CA THR C 126 -14.74 5.21 -24.65
C THR C 126 -15.06 4.65 -26.04
N GLN C 127 -14.27 3.69 -26.52
CA GLN C 127 -14.50 3.13 -27.87
C GLN C 127 -15.76 2.27 -27.95
N ILE C 128 -16.02 1.47 -26.91
CA ILE C 128 -17.24 0.64 -26.90
C ILE C 128 -18.43 1.57 -26.90
N ALA C 129 -18.40 2.55 -26.00
CA ALA C 129 -19.52 3.49 -25.87
C ALA C 129 -19.79 4.26 -27.17
N ASN C 130 -18.72 4.74 -27.81
CA ASN C 130 -18.88 5.46 -29.09
C ASN C 130 -19.49 4.60 -30.17
N ARG C 131 -19.11 3.33 -30.24
CA ARG C 131 -19.70 2.45 -31.25
C ARG C 131 -21.22 2.26 -31.05
N PHE C 132 -21.68 2.29 -29.80
CA PHE C 132 -23.08 2.02 -29.51
C PHE C 132 -23.86 3.26 -29.10
N LYS C 133 -23.29 4.45 -29.32
CA LYS C 133 -23.90 5.69 -28.84
C LYS C 133 -25.35 5.89 -29.31
N THR C 134 -25.66 5.53 -30.55
CA THR C 134 -26.98 5.85 -31.11
C THR C 134 -28.08 4.86 -30.67
N TYR C 135 -27.71 3.76 -29.98
CA TYR C 135 -28.70 2.75 -29.60
C TYR C 135 -29.58 3.26 -28.47
N GLY C 136 -30.83 2.81 -28.48
CA GLY C 136 -31.79 3.16 -27.45
C GLY C 136 -31.55 2.38 -26.14
N ASP C 137 -32.48 2.51 -25.22
CA ASP C 137 -32.26 2.09 -23.84
C ASP C 137 -32.42 0.57 -23.58
N TYR C 138 -32.79 -0.18 -24.61
CA TYR C 138 -32.75 -1.62 -24.55
C TYR C 138 -31.30 -2.14 -24.50
N LEU C 139 -30.35 -1.29 -24.89
CA LEU C 139 -28.94 -1.64 -24.83
C LEU C 139 -28.32 -1.08 -23.55
N ILE C 140 -27.76 -2.00 -22.75
CA ILE C 140 -27.22 -1.73 -21.42
C ILE C 140 -25.74 -2.01 -21.46
N PHE C 141 -24.96 -1.16 -20.79
CA PHE C 141 -23.54 -1.47 -20.56
C PHE C 141 -23.33 -1.98 -19.14
N GLU C 142 -22.48 -3.01 -19.03
CA GLU C 142 -22.00 -3.51 -17.75
C GLU C 142 -20.50 -3.32 -17.75
N THR C 143 -20.00 -2.51 -16.81
CA THR C 143 -18.63 -2.02 -16.88
C THR C 143 -17.57 -3.11 -16.73
N LEU C 144 -17.72 -3.95 -15.70
CA LEU C 144 -16.75 -5.00 -15.39
C LEU C 144 -17.48 -6.23 -14.84
N ASN C 145 -17.14 -7.40 -15.39
CA ASN C 145 -17.84 -8.63 -15.07
C ASN C 145 -17.70 -9.00 -13.60
N GLU C 146 -16.51 -9.48 -13.27
CA GLU C 146 -16.15 -9.97 -11.92
C GLU C 146 -14.75 -9.46 -11.61
N PRO C 147 -14.57 -8.13 -11.56
CA PRO C 147 -13.22 -7.55 -11.38
C PRO C 147 -12.63 -7.95 -10.04
N ARG C 148 -11.38 -8.36 -10.09
CA ARG C 148 -10.72 -9.02 -8.97
C ARG C 148 -9.24 -9.23 -9.27
N HIS C 149 -8.52 -9.66 -8.23
CA HIS C 149 -7.08 -9.99 -8.30
C HIS C 149 -6.97 -11.51 -8.41
N LYS C 150 -6.80 -12.01 -9.62
CA LYS C 150 -6.69 -13.46 -9.86
C LYS C 150 -5.50 -14.05 -9.13
N GLY C 151 -5.69 -15.20 -8.49
CA GLY C 151 -4.59 -15.90 -7.84
C GLY C 151 -4.42 -15.64 -6.35
N THR C 152 -5.01 -14.58 -5.84
CA THR C 152 -4.83 -14.21 -4.44
C THR C 152 -5.77 -15.04 -3.56
N PRO C 153 -5.44 -15.17 -2.26
CA PRO C 153 -6.34 -15.90 -1.35
C PRO C 153 -7.74 -15.29 -1.16
N GLU C 154 -7.87 -13.98 -1.40
CA GLU C 154 -9.18 -13.31 -1.16
CA GLU C 154 -9.08 -13.18 -1.19
C GLU C 154 -9.96 -13.08 -2.46
N GLU C 155 -9.43 -13.58 -3.58
CA GLU C 155 -10.10 -13.54 -4.90
C GLU C 155 -11.60 -13.78 -4.87
N TRP C 156 -12.00 -14.88 -4.25
CA TRP C 156 -13.40 -15.30 -4.17
C TRP C 156 -14.04 -15.09 -2.78
N LYS C 157 -13.41 -14.27 -1.94
CA LYS C 157 -13.92 -13.96 -0.59
C LYS C 157 -14.08 -12.42 -0.38
N GLY C 158 -14.34 -11.71 -1.47
CA GLY C 158 -14.59 -10.27 -1.43
C GLY C 158 -13.36 -9.38 -1.52
N GLY C 159 -12.21 -9.96 -1.82
CA GLY C 159 -11.00 -9.17 -2.03
C GLY C 159 -10.34 -8.69 -0.74
N THR C 160 -9.27 -7.94 -0.94
CA THR C 160 -8.66 -7.14 0.11
C THR C 160 -9.30 -5.75 0.06
N GLN C 161 -9.02 -4.97 1.11
CA GLN C 161 -9.41 -3.56 1.17
C GLN C 161 -8.89 -2.80 -0.04
N GLU C 162 -7.62 -3.03 -0.38
CA GLU C 162 -7.00 -2.48 -1.58
C GLU C 162 -7.70 -2.92 -2.89
N GLY C 163 -8.00 -4.22 -2.98
CA GLY C 163 -8.73 -4.74 -4.13
C GLY C 163 -10.01 -3.97 -4.36
N ARG C 164 -10.81 -3.87 -3.30
CA ARG C 164 -12.13 -3.23 -3.36
C ARG C 164 -12.04 -1.74 -3.72
N ASP C 165 -11.04 -1.06 -3.17
CA ASP C 165 -10.79 0.38 -3.46
C ASP C 165 -10.47 0.53 -4.97
N ALA C 166 -9.53 -0.24 -5.47
CA ALA C 166 -9.14 -0.17 -6.90
C ALA C 166 -10.32 -0.50 -7.86
N VAL C 167 -11.11 -1.50 -7.50
CA VAL C 167 -12.28 -1.81 -8.29
C VAL C 167 -13.29 -0.65 -8.33
N ASN C 168 -13.58 -0.03 -7.19
CA ASN C 168 -14.46 1.17 -7.20
C ASN C 168 -13.89 2.26 -8.10
N GLN C 169 -12.58 2.46 -8.05
CA GLN C 169 -11.93 3.44 -8.96
C GLN C 169 -12.05 3.07 -10.42
N TYR C 170 -11.93 1.79 -10.72
CA TYR C 170 -12.06 1.31 -12.11
C TYR C 170 -13.47 1.52 -12.64
N HIS C 171 -14.46 1.26 -11.80
CA HIS C 171 -15.85 1.53 -12.14
C HIS C 171 -16.07 3.04 -12.34
N GLN C 172 -15.49 3.85 -11.45
CA GLN C 172 -15.52 5.34 -11.57
C GLN C 172 -15.06 5.79 -12.97
N VAL C 173 -13.87 5.37 -13.35
CA VAL C 173 -13.31 5.74 -14.66
C VAL C 173 -14.18 5.24 -15.83
N SER C 174 -14.75 4.05 -15.69
CA SER C 174 -15.53 3.42 -16.79
C SER C 174 -16.86 4.15 -16.98
N VAL C 175 -17.59 4.36 -15.88
CA VAL C 175 -18.84 5.16 -15.90
C VAL C 175 -18.62 6.57 -16.49
N ASP C 176 -17.59 7.28 -16.00
CA ASP C 176 -17.22 8.63 -16.50
C ASP C 176 -16.89 8.63 -17.98
N ALA C 177 -16.11 7.66 -18.43
CA ALA C 177 -15.80 7.49 -19.86
C ALA C 177 -17.05 7.27 -20.73
N ILE C 178 -18.01 6.52 -20.20
CA ILE C 178 -19.24 6.28 -20.96
C ILE C 178 -20.08 7.57 -21.04
N ARG C 179 -20.28 8.18 -19.87
CA ARG C 179 -21.10 9.39 -19.75
C ARG C 179 -20.53 10.52 -20.62
N ALA C 180 -19.21 10.68 -20.63
CA ALA C 180 -18.50 11.74 -21.38
C ALA C 180 -18.68 11.70 -22.91
N THR C 181 -19.00 10.53 -23.46
CA THR C 181 -19.28 10.42 -24.91
C THR C 181 -20.64 11.04 -25.28
N GLY C 182 -21.47 11.33 -24.27
CA GLY C 182 -22.74 12.03 -24.49
C GLY C 182 -23.78 11.27 -25.30
N GLY C 183 -24.72 11.99 -25.89
CA GLY C 183 -25.84 11.36 -26.61
C GLY C 183 -26.70 10.51 -25.68
N ASN C 184 -27.19 9.39 -26.21
CA ASN C 184 -27.88 8.39 -25.38
C ASN C 184 -27.04 7.85 -24.19
N ASN C 185 -25.71 7.86 -24.32
CA ASN C 185 -24.80 7.41 -23.26
C ASN C 185 -24.80 8.25 -21.97
N ALA C 186 -25.37 9.46 -22.05
CA ALA C 186 -25.56 10.28 -20.86
C ALA C 186 -26.59 9.66 -19.92
N LYS C 187 -27.58 8.98 -20.52
CA LYS C 187 -28.70 8.42 -19.76
C LYS C 187 -28.86 6.87 -19.78
N ARG C 188 -28.10 6.18 -20.63
CA ARG C 188 -28.11 4.72 -20.69
C ARG C 188 -27.91 4.07 -19.32
N LYS C 189 -28.66 3.01 -19.07
CA LYS C 189 -28.49 2.23 -17.85
C LYS C 189 -27.12 1.50 -17.88
N ILE C 190 -26.43 1.55 -16.75
CA ILE C 190 -25.11 0.95 -16.59
C ILE C 190 -25.12 0.03 -15.37
N MET C 191 -24.73 -1.22 -15.58
CA MET C 191 -24.63 -2.19 -14.49
C MET C 191 -23.21 -2.15 -13.90
N VAL C 192 -23.13 -1.85 -12.60
CA VAL C 192 -21.88 -1.70 -11.87
C VAL C 192 -21.77 -2.77 -10.76
N SER C 193 -20.73 -3.56 -10.81
CA SER C 193 -20.54 -4.72 -9.89
C SER C 193 -19.77 -4.38 -8.62
N THR C 194 -20.05 -5.16 -7.60
CA THR C 194 -19.18 -5.31 -6.46
C THR C 194 -17.89 -6.00 -6.88
N TYR C 195 -16.92 -6.04 -5.97
CA TYR C 195 -15.68 -6.80 -6.23
C TYR C 195 -16.08 -8.25 -6.54
N ALA C 196 -15.56 -8.73 -7.65
CA ALA C 196 -15.86 -10.08 -8.16
C ALA C 196 -17.33 -10.41 -8.36
N ALA C 197 -18.20 -9.38 -8.43
CA ALA C 197 -19.64 -9.52 -8.33
C ALA C 197 -20.08 -10.35 -7.12
N SER C 198 -19.29 -10.24 -6.05
CA SER C 198 -19.50 -10.98 -4.80
C SER C 198 -20.65 -10.41 -3.99
N THR C 199 -21.29 -11.27 -3.21
CA THR C 199 -22.30 -10.85 -2.21
C THR C 199 -21.81 -11.03 -0.79
N ALA C 200 -20.50 -11.22 -0.61
CA ALA C 200 -19.89 -11.28 0.72
C ALA C 200 -20.03 -9.91 1.38
N SER C 201 -20.18 -9.92 2.71
CA SER C 201 -20.49 -8.69 3.47
C SER C 201 -19.48 -7.55 3.22
N ASN C 202 -18.20 -7.88 3.18
CA ASN C 202 -17.16 -6.89 2.89
C ASN C 202 -17.28 -6.25 1.50
N ALA C 203 -17.60 -7.04 0.48
CA ALA C 203 -17.82 -6.50 -0.88
C ALA C 203 -19.05 -5.56 -0.95
N LEU C 204 -20.14 -5.97 -0.32
CA LEU C 204 -21.33 -5.16 -0.15
C LEU C 204 -21.09 -3.80 0.58
N ASN C 205 -20.32 -3.83 1.67
CA ASN C 205 -20.11 -2.63 2.50
C ASN C 205 -19.26 -1.59 1.79
N ASP C 206 -18.25 -2.01 1.02
CA ASP C 206 -17.40 -1.04 0.31
C ASP C 206 -17.90 -0.69 -1.09
N TYR C 207 -19.06 -1.20 -1.49
CA TYR C 207 -19.58 -0.89 -2.82
C TYR C 207 -19.89 0.62 -2.95
N LEU C 208 -19.40 1.25 -4.03
CA LEU C 208 -19.74 2.63 -4.37
C LEU C 208 -20.24 2.74 -5.81
N VAL C 209 -21.37 3.45 -5.96
CA VAL C 209 -21.93 3.83 -7.24
C VAL C 209 -21.22 5.10 -7.67
N PRO C 210 -20.51 5.07 -8.81
CA PRO C 210 -19.83 6.30 -9.30
C PRO C 210 -20.75 7.50 -9.39
N ASN C 211 -20.39 8.58 -8.69
CA ASN C 211 -21.11 9.90 -8.69
C ASN C 211 -22.51 9.84 -8.12
N GLY C 212 -22.84 8.80 -7.39
CA GLY C 212 -24.26 8.44 -7.11
C GLY C 212 -25.16 8.44 -8.36
N ASP C 213 -24.57 8.22 -9.54
CA ASP C 213 -25.28 8.24 -10.84
C ASP C 213 -26.60 7.50 -10.70
N LYS C 214 -27.69 8.17 -11.05
CA LYS C 214 -29.03 7.64 -10.82
C LYS C 214 -29.46 6.60 -11.85
N ASN C 215 -28.70 6.46 -12.92
CA ASN C 215 -28.93 5.44 -13.94
C ASN C 215 -27.96 4.23 -13.86
N VAL C 216 -27.32 4.05 -12.71
CA VAL C 216 -26.54 2.86 -12.42
C VAL C 216 -27.40 1.79 -11.74
N ILE C 217 -27.33 0.58 -12.28
CA ILE C 217 -27.97 -0.60 -11.67
C ILE C 217 -26.90 -1.43 -10.99
N VAL C 218 -27.25 -2.09 -9.90
CA VAL C 218 -26.29 -2.98 -9.18
C VAL C 218 -26.19 -4.34 -9.92
N SER C 219 -24.97 -4.82 -10.09
CA SER C 219 -24.68 -6.16 -10.63
C SER C 219 -24.02 -7.03 -9.57
N VAL C 220 -24.68 -8.14 -9.23
CA VAL C 220 -24.10 -9.18 -8.41
C VAL C 220 -24.39 -10.52 -9.07
N HIS C 221 -23.52 -11.48 -8.80
CA HIS C 221 -23.66 -12.85 -9.26
C HIS C 221 -23.69 -13.69 -7.99
N SER C 222 -24.64 -14.60 -7.86
CA SER C 222 -24.66 -15.45 -6.69
C SER C 222 -25.08 -16.85 -7.11
N TYR C 223 -24.10 -17.70 -7.26
CA TYR C 223 -24.32 -19.11 -7.59
C TYR C 223 -24.65 -19.87 -6.28
N PHE C 224 -25.81 -19.58 -5.70
CA PHE C 224 -26.14 -20.01 -4.35
C PHE C 224 -26.96 -21.27 -4.34
N PRO C 225 -26.53 -22.34 -3.64
CA PRO C 225 -25.30 -22.40 -2.85
C PRO C 225 -24.17 -22.94 -3.69
N TYR C 226 -22.97 -22.41 -3.50
CA TYR C 226 -21.85 -22.76 -4.39
C TYR C 226 -21.49 -24.24 -4.43
N GLN C 227 -21.75 -24.98 -3.34
CA GLN C 227 -21.43 -26.40 -3.26
C GLN C 227 -22.23 -27.21 -4.29
N PHE C 228 -23.47 -26.80 -4.50
CA PHE C 228 -24.36 -27.36 -5.47
C PHE C 228 -24.12 -26.79 -6.88
N CYS C 229 -23.85 -25.47 -6.96
CA CYS C 229 -23.93 -24.73 -8.20
C CYS C 229 -22.64 -24.73 -8.98
N LEU C 230 -21.53 -24.64 -8.27
CA LEU C 230 -20.23 -24.52 -8.88
C LEU C 230 -19.31 -25.71 -8.65
N ASP C 231 -19.14 -26.12 -7.38
CA ASP C 231 -18.11 -27.11 -7.01
C ASP C 231 -18.45 -28.54 -7.33
N GLY C 232 -19.75 -28.84 -7.43
CA GLY C 232 -20.21 -30.21 -7.53
C GLY C 232 -19.97 -31.10 -6.31
N THR C 233 -19.61 -30.52 -5.16
CA THR C 233 -19.44 -31.29 -3.92
C THR C 233 -20.79 -31.63 -3.29
N ASP C 234 -21.87 -30.98 -3.72
CA ASP C 234 -23.20 -31.37 -3.26
C ASP C 234 -24.14 -31.40 -4.44
N SER C 235 -24.91 -32.48 -4.56
CA SER C 235 -25.75 -32.67 -5.74
C SER C 235 -27.21 -32.74 -5.40
N THR C 236 -27.54 -32.50 -4.13
CA THR C 236 -28.95 -32.50 -3.68
C THR C 236 -29.40 -31.08 -3.36
N TRP C 237 -30.64 -30.77 -3.73
CA TRP C 237 -31.23 -29.48 -3.42
C TRP C 237 -32.71 -29.61 -3.35
N GLY C 238 -33.26 -29.05 -2.28
CA GLY C 238 -34.68 -29.05 -2.04
C GLY C 238 -35.17 -29.22 -0.62
N THR C 239 -34.29 -29.38 0.36
CA THR C 239 -34.78 -29.48 1.77
C THR C 239 -35.24 -28.10 2.22
N GLU C 240 -36.01 -28.04 3.30
CA GLU C 240 -36.37 -26.72 3.88
C GLU C 240 -35.15 -25.87 4.23
N ALA C 241 -34.14 -26.49 4.79
CA ALA C 241 -32.89 -25.76 5.01
C ALA C 241 -32.26 -25.17 3.73
N ASP C 242 -32.36 -25.90 2.61
CA ASP C 242 -31.83 -25.44 1.31
C ASP C 242 -32.58 -24.16 0.93
N LYS C 243 -33.90 -24.22 1.03
CA LYS C 243 -34.81 -23.11 0.67
C LYS C 243 -34.62 -21.91 1.56
N THR C 244 -34.62 -22.14 2.87
CA THR C 244 -34.50 -21.06 3.83
C THR C 244 -33.19 -20.26 3.65
N ALA C 245 -32.10 -20.98 3.42
CA ALA C 245 -30.80 -20.33 3.25
C ALA C 245 -30.69 -19.51 1.96
N LEU C 246 -31.29 -20.02 0.89
CA LEU C 246 -31.33 -19.29 -0.37
C LEU C 246 -32.15 -17.99 -0.23
N LEU C 247 -33.34 -18.13 0.35
CA LEU C 247 -34.17 -16.94 0.68
C LEU C 247 -33.43 -15.90 1.51
N ALA C 248 -32.63 -16.37 2.48
CA ALA C 248 -31.82 -15.47 3.27
C ALA C 248 -30.69 -14.81 2.46
N GLU C 249 -30.09 -15.52 1.50
CA GLU C 249 -29.07 -14.89 0.61
C GLU C 249 -29.72 -13.77 -0.23
N LEU C 250 -30.86 -14.06 -0.83
CA LEU C 250 -31.55 -13.06 -1.62
C LEU C 250 -32.12 -11.87 -0.77
N ASP C 251 -32.60 -12.15 0.44
CA ASP C 251 -33.01 -11.07 1.37
C ASP C 251 -31.85 -10.18 1.72
N LYS C 252 -30.67 -10.74 1.98
CA LYS C 252 -29.49 -9.91 2.25
C LYS C 252 -29.22 -8.94 1.09
N ILE C 253 -29.43 -9.41 -0.15
CA ILE C 253 -29.22 -8.57 -1.32
C ILE C 253 -30.28 -7.46 -1.41
N ARG C 254 -31.53 -7.84 -1.27
CA ARG C 254 -32.64 -6.90 -1.25
C ARG C 254 -32.47 -5.82 -0.13
N ASP C 255 -32.21 -6.26 1.09
CA ASP C 255 -32.16 -5.37 2.26
C ASP C 255 -31.07 -4.32 2.08
N LYS C 256 -29.91 -4.73 1.58
CA LYS C 256 -28.81 -3.81 1.37
C LYS C 256 -29.07 -2.90 0.16
N PHE C 257 -29.29 -3.45 -1.02
CA PHE C 257 -29.30 -2.60 -2.22
C PHE C 257 -30.64 -1.95 -2.51
N ILE C 258 -31.73 -2.69 -2.31
CA ILE C 258 -33.06 -2.26 -2.75
C ILE C 258 -33.69 -1.38 -1.66
N VAL C 259 -33.70 -1.87 -0.42
CA VAL C 259 -34.37 -1.20 0.67
C VAL C 259 -33.48 -0.06 1.18
N GLU C 260 -32.33 -0.40 1.73
CA GLU C 260 -31.47 0.59 2.34
C GLU C 260 -30.90 1.59 1.31
N ASP C 261 -30.48 1.14 0.13
CA ASP C 261 -29.79 2.03 -0.84
C ASP C 261 -30.69 2.55 -1.95
N ASN C 262 -31.95 2.11 -2.03
CA ASN C 262 -32.86 2.47 -3.15
C ASN C 262 -32.24 2.27 -4.56
N ARG C 263 -31.62 1.11 -4.74
CA ARG C 263 -31.06 0.69 -6.02
C ARG C 263 -31.81 -0.52 -6.60
N ALA C 264 -31.73 -0.69 -7.92
CA ALA C 264 -32.18 -1.89 -8.61
C ALA C 264 -31.01 -2.87 -8.80
N VAL C 265 -31.36 -4.16 -8.89
CA VAL C 265 -30.36 -5.25 -8.91
C VAL C 265 -30.63 -6.24 -10.03
N VAL C 266 -29.60 -6.46 -10.84
CA VAL C 266 -29.62 -7.51 -11.85
C VAL C 266 -28.68 -8.61 -11.39
N MET C 267 -29.24 -9.80 -11.19
CA MET C 267 -28.43 -11.00 -10.90
C MET C 267 -27.92 -11.52 -12.23
N GLY C 268 -26.83 -10.94 -12.71
CA GLY C 268 -26.41 -11.13 -14.10
C GLY C 268 -25.80 -12.48 -14.39
N SER C 269 -25.57 -13.27 -13.35
CA SER C 269 -25.16 -14.68 -13.50
C SER C 269 -25.50 -15.45 -12.25
N TRP C 270 -26.03 -16.65 -12.47
CA TRP C 270 -26.37 -17.63 -11.45
C TRP C 270 -26.69 -18.87 -12.26
N GLY C 271 -26.86 -19.97 -11.55
CA GLY C 271 -27.32 -21.23 -12.14
C GLY C 271 -26.61 -22.36 -11.44
N SER C 272 -26.78 -23.58 -11.95
CA SER C 272 -26.10 -24.77 -11.41
C SER C 272 -25.50 -25.61 -12.54
N THR C 273 -24.29 -26.09 -12.30
CA THR C 273 -23.60 -27.02 -13.16
C THR C 273 -24.28 -28.36 -13.03
N PHE C 274 -24.24 -29.13 -14.09
CA PHE C 274 -24.88 -30.45 -14.07
C PHE C 274 -24.08 -31.44 -13.22
N SER C 275 -24.75 -32.11 -12.28
CA SER C 275 -24.12 -33.08 -11.41
C SER C 275 -24.91 -34.38 -11.31
N ASP C 276 -25.35 -34.91 -12.46
CA ASP C 276 -26.16 -36.13 -12.56
C ASP C 276 -27.39 -35.96 -11.65
N ASN C 277 -28.00 -34.79 -11.69
CA ASN C 277 -29.06 -34.44 -10.71
C ASN C 277 -30.12 -33.55 -11.32
N PRO C 278 -30.75 -34.00 -12.42
CA PRO C 278 -31.71 -33.17 -13.13
C PRO C 278 -32.91 -32.71 -12.31
N GLU C 279 -33.47 -33.59 -11.48
CA GLU C 279 -34.65 -33.24 -10.68
C GLU C 279 -34.33 -32.10 -9.67
N ASP C 280 -33.15 -32.17 -9.07
CA ASP C 280 -32.72 -31.13 -8.13
C ASP C 280 -32.38 -29.79 -8.80
N ARG C 281 -31.72 -29.86 -9.96
CA ARG C 281 -31.45 -28.68 -10.75
C ARG C 281 -32.71 -27.95 -11.13
N LEU C 282 -33.70 -28.70 -11.57
CA LEU C 282 -34.96 -28.08 -11.89
C LEU C 282 -35.57 -27.36 -10.67
N ALA C 283 -35.62 -28.04 -9.53
CA ALA C 283 -36.27 -27.50 -8.35
C ALA C 283 -35.55 -26.23 -7.89
N HIS C 284 -34.23 -26.27 -7.94
CA HIS C 284 -33.42 -25.12 -7.59
C HIS C 284 -33.67 -23.91 -8.51
N ALA C 285 -33.71 -24.18 -9.81
CA ALA C 285 -33.94 -23.13 -10.80
C ALA C 285 -35.31 -22.47 -10.63
N GLU C 286 -36.35 -23.29 -10.48
CA GLU C 286 -37.71 -22.79 -10.27
C GLU C 286 -37.72 -21.90 -9.03
N PHE C 287 -37.16 -22.41 -7.95
CA PHE C 287 -37.22 -21.68 -6.67
C PHE C 287 -36.42 -20.37 -6.72
N TYR C 288 -35.21 -20.42 -7.32
CA TYR C 288 -34.32 -19.27 -7.30
C TYR C 288 -34.93 -18.15 -8.13
N ALA C 289 -35.44 -18.49 -9.32
CA ALA C 289 -36.04 -17.49 -10.19
C ALA C 289 -37.29 -16.86 -9.58
N ARG C 290 -38.14 -17.70 -8.97
CA ARG C 290 -39.34 -17.17 -8.32
C ARG C 290 -38.97 -16.19 -7.20
N ALA C 291 -38.01 -16.60 -6.37
CA ALA C 291 -37.55 -15.73 -5.30
C ALA C 291 -36.96 -14.40 -5.76
N CYS C 292 -36.24 -14.41 -6.90
CA CYS C 292 -35.74 -13.18 -7.51
C CYS C 292 -36.94 -12.31 -8.00
N ALA C 293 -37.86 -12.92 -8.73
CA ALA C 293 -39.07 -12.19 -9.23
C ALA C 293 -39.83 -11.53 -8.10
N GLU C 294 -40.06 -12.24 -7.00
CA GLU C 294 -40.77 -11.68 -5.84
C GLU C 294 -40.05 -10.48 -5.20
N ARG C 295 -38.71 -10.44 -5.31
CA ARG C 295 -37.89 -9.31 -4.81
C ARG C 295 -37.59 -8.23 -5.88
N GLY C 296 -38.12 -8.37 -7.10
CA GLY C 296 -37.85 -7.37 -8.16
C GLY C 296 -36.46 -7.45 -8.76
N ILE C 297 -35.80 -8.60 -8.56
CA ILE C 297 -34.47 -8.80 -9.07
C ILE C 297 -34.57 -9.48 -10.43
N CYS C 298 -33.81 -9.00 -11.43
CA CYS C 298 -33.74 -9.69 -12.73
C CYS C 298 -32.75 -10.84 -12.69
N PRO C 299 -33.22 -12.08 -12.87
CA PRO C 299 -32.29 -13.23 -12.86
C PRO C 299 -31.83 -13.60 -14.26
N ILE C 300 -30.52 -13.74 -14.46
CA ILE C 300 -29.96 -14.10 -15.78
C ILE C 300 -29.13 -15.40 -15.69
N TRP C 301 -29.65 -16.49 -16.26
CA TRP C 301 -29.02 -17.83 -16.17
C TRP C 301 -27.71 -17.84 -16.91
N TRP C 302 -26.69 -18.43 -16.30
CA TRP C 302 -25.39 -18.64 -16.94
C TRP C 302 -25.44 -19.93 -17.81
N ASP C 303 -25.20 -19.79 -19.11
CA ASP C 303 -25.23 -20.92 -20.08
C ASP C 303 -23.92 -20.90 -20.84
N ASN C 304 -23.11 -21.94 -20.65
CA ASN C 304 -21.83 -21.98 -21.34
C ASN C 304 -21.83 -22.88 -22.56
N GLY C 305 -23.03 -23.30 -22.98
CA GLY C 305 -23.23 -24.08 -24.18
C GLY C 305 -22.83 -25.54 -24.06
N ASN C 306 -22.37 -25.99 -22.89
CA ASN C 306 -21.93 -27.37 -22.69
C ASN C 306 -22.95 -28.03 -21.80
N VAL C 307 -23.68 -28.99 -22.36
CA VAL C 307 -24.76 -29.69 -21.70
C VAL C 307 -24.33 -30.42 -20.43
N ASP C 308 -23.06 -30.82 -20.33
CA ASP C 308 -22.55 -31.45 -19.11
C ASP C 308 -22.23 -30.43 -17.99
N GLU C 309 -22.35 -29.13 -18.29
CA GLU C 309 -22.01 -28.07 -17.33
C GLU C 309 -23.21 -27.15 -17.17
N PHE C 310 -23.22 -25.99 -17.83
CA PHE C 310 -24.30 -24.99 -17.68
C PHE C 310 -25.25 -24.90 -18.87
N GLY C 311 -24.98 -25.64 -19.94
CA GLY C 311 -25.77 -25.56 -21.13
C GLY C 311 -27.17 -26.14 -21.05
N ILE C 312 -28.17 -25.29 -21.20
CA ILE C 312 -29.53 -25.74 -21.29
C ILE C 312 -30.14 -25.60 -22.71
N PHE C 313 -29.39 -24.96 -23.61
CA PHE C 313 -29.82 -24.76 -25.01
C PHE C 313 -28.74 -25.34 -25.89
N ASN C 314 -29.17 -26.10 -26.92
CA ASN C 314 -28.25 -26.66 -27.92
C ASN C 314 -28.14 -25.68 -29.08
N ARG C 315 -26.96 -25.09 -29.20
CA ARG C 315 -26.76 -24.02 -30.13
C ARG C 315 -26.64 -24.57 -31.57
N ASN C 316 -26.20 -25.82 -31.70
CA ASN C 316 -26.01 -26.46 -33.01
C ASN C 316 -27.33 -26.87 -33.66
N THR C 317 -28.20 -27.51 -32.90
CA THR C 317 -29.52 -27.95 -33.37
C THR C 317 -30.64 -26.96 -33.14
N LEU C 318 -30.43 -25.97 -32.28
CA LEU C 318 -31.50 -25.03 -31.86
C LEU C 318 -32.67 -25.68 -31.08
N GLU C 319 -32.40 -26.83 -30.48
CA GLU C 319 -33.32 -27.50 -29.54
C GLU C 319 -32.83 -27.17 -28.11
N TRP C 320 -33.73 -27.20 -27.16
CA TRP C 320 -33.40 -27.06 -25.75
C TRP C 320 -32.95 -28.39 -25.17
N ASN C 321 -31.78 -28.44 -24.52
CA ASN C 321 -31.37 -29.63 -23.81
C ASN C 321 -32.20 -29.86 -22.55
N TYR C 322 -32.55 -28.78 -21.85
CA TYR C 322 -33.29 -28.86 -20.56
C TYR C 322 -34.36 -27.77 -20.58
N PRO C 323 -35.33 -27.92 -21.48
CA PRO C 323 -36.39 -26.90 -21.56
C PRO C 323 -37.15 -26.66 -20.25
N GLU C 324 -37.30 -27.68 -19.40
CA GLU C 324 -37.95 -27.48 -18.10
C GLU C 324 -37.26 -26.37 -17.29
N ILE C 325 -35.94 -26.34 -17.30
CA ILE C 325 -35.23 -25.33 -16.56
C ILE C 325 -35.54 -23.96 -17.15
N ALA C 326 -35.50 -23.84 -18.46
CA ALA C 326 -35.78 -22.56 -19.11
C ALA C 326 -37.17 -22.08 -18.79
N GLU C 327 -38.13 -22.97 -18.88
CA GLU C 327 -39.52 -22.62 -18.60
C GLU C 327 -39.74 -22.18 -17.16
N ALA C 328 -39.04 -22.83 -16.24
CA ALA C 328 -39.09 -22.45 -14.83
C ALA C 328 -38.47 -21.10 -14.58
N ILE C 329 -37.40 -20.79 -15.28
CA ILE C 329 -36.75 -19.49 -15.16
C ILE C 329 -37.60 -18.32 -15.66
N VAL C 330 -38.27 -18.50 -16.78
CA VAL C 330 -39.07 -17.43 -17.37
C VAL C 330 -40.51 -17.32 -16.87
N LYS C 331 -41.00 -18.34 -16.16
CA LYS C 331 -42.40 -18.37 -15.71
C LYS C 331 -42.87 -17.09 -15.02
#